data_2DE3
#
_entry.id   2DE3
#
_cell.length_a   154.670
_cell.length_b   46.190
_cell.length_c   113.960
_cell.angle_alpha   90.00
_cell.angle_beta   115.81
_cell.angle_gamma   90.00
#
_symmetry.space_group_name_H-M   'C 1 2 1'
#
loop_
_entity.id
_entity.type
_entity.pdbx_description
1 polymer 'DIBENZOTHIOPHENE DESULFURIZATION ENZYME B'
2 non-polymer 'ACETATE ION'
3 non-polymer "2'-HYDROXY-1,1'-BIPHENYL-2-SULFINIC ACID"
4 non-polymer 'MAGNESIUM ION'
5 water water
#
_entity_poly.entity_id   1
_entity_poly.type   'polypeptide(L)'
_entity_poly.pdbx_seq_one_letter_code
;MTSRVDPANPGSELDSAIRDTLTYSNSPVPNALLTASESGFLDAAGIELDVLSGQQGTVHFTYDQPAYTRFGGEIPPLLS
EGLRAPGRTRLLGITPLLGRQGFFVRDDSPITAAADLAGRRIGVSASAIRILRGQLGDYLELDPWRQTLVALGSWEARAL
LHTLEHGELGVDDVELVPISSPGVDVPAEQLEESATVKGADLFPDVARGQAAVLASGDVDALYSWLPWAGELQATGARPV
VDLGLDERNAYASVWTVSSGLVRQRPGLVQRLVDAAVDAGLWARDHSDAVTSLHAANLGVSTGAVGQGFGADFQQRLVPR
LDHDALALLERTQQFLLTNNLLQEPVALDQWAAPEFLNNSLNRHR
;
_entity_poly.pdbx_strand_id   A,B
#
# COMPACT_ATOMS: atom_id res chain seq x y z
N ASP A 20 -27.70 -0.44 -22.74
CA ASP A 20 -28.47 0.50 -21.87
C ASP A 20 -27.54 1.41 -21.09
N THR A 21 -27.97 2.65 -20.88
CA THR A 21 -27.16 3.62 -20.15
C THR A 21 -27.89 4.13 -18.90
N LEU A 22 -27.18 4.12 -17.77
CA LEU A 22 -27.73 4.58 -16.52
C LEU A 22 -26.82 5.65 -15.94
N THR A 23 -27.38 6.60 -15.22
CA THR A 23 -26.57 7.63 -14.57
C THR A 23 -26.23 7.01 -13.21
N TYR A 24 -25.13 7.42 -12.58
CA TYR A 24 -24.77 6.81 -11.31
C TYR A 24 -23.80 7.64 -10.48
N SER A 25 -23.53 7.13 -9.28
CA SER A 25 -22.57 7.72 -8.36
C SER A 25 -22.34 6.77 -7.20
N ASN A 26 -21.25 6.97 -6.48
CA ASN A 26 -20.97 6.16 -5.30
C ASN A 26 -20.22 7.02 -4.29
N SER A 27 -20.43 6.73 -3.01
CA SER A 27 -19.77 7.44 -1.93
C SER A 27 -18.38 6.84 -1.77
N PRO A 28 -17.54 7.42 -0.90
CA PRO A 28 -16.19 6.89 -0.69
C PRO A 28 -16.24 5.66 0.22
N VAL A 29 -16.92 4.61 -0.26
CA VAL A 29 -17.09 3.37 0.47
C VAL A 29 -16.86 2.16 -0.45
N PRO A 30 -16.54 0.99 0.12
CA PRO A 30 -16.32 -0.19 -0.72
C PRO A 30 -17.65 -0.67 -1.31
N ASN A 31 -17.70 -0.86 -2.63
CA ASN A 31 -18.94 -1.28 -3.27
C ASN A 31 -18.78 -2.02 -4.60
N ALA A 32 -19.72 -2.90 -4.89
CA ALA A 32 -19.70 -3.69 -6.12
C ALA A 32 -20.15 -2.95 -7.39
N LEU A 33 -20.82 -1.81 -7.24
CA LEU A 33 -21.26 -1.06 -8.42
C LEU A 33 -20.03 -0.49 -9.14
N LEU A 34 -19.16 0.19 -8.37
CA LEU A 34 -17.94 0.76 -8.91
C LEU A 34 -17.06 -0.36 -9.45
N THR A 35 -16.95 -1.44 -8.68
CA THR A 35 -16.12 -2.58 -9.07
C THR A 35 -16.58 -3.19 -10.39
N ALA A 36 -17.88 -3.43 -10.52
CA ALA A 36 -18.42 -4.03 -11.74
C ALA A 36 -18.21 -3.12 -12.96
N SER A 37 -18.31 -1.81 -12.75
CA SER A 37 -18.13 -0.85 -13.81
C SER A 37 -16.69 -0.76 -14.32
N GLU A 38 -15.75 -0.56 -13.39
CA GLU A 38 -14.34 -0.45 -13.76
C GLU A 38 -13.69 -1.74 -14.23
N SER A 39 -14.21 -2.89 -13.78
CA SER A 39 -13.65 -4.19 -14.16
C SER A 39 -14.22 -4.77 -15.45
N GLY A 40 -15.20 -4.09 -16.04
CA GLY A 40 -15.78 -4.57 -17.28
C GLY A 40 -16.97 -5.52 -17.21
N PHE A 41 -17.43 -5.84 -16.02
CA PHE A 41 -18.57 -6.74 -15.88
C PHE A 41 -19.87 -6.15 -16.41
N LEU A 42 -20.04 -4.84 -16.27
CA LEU A 42 -21.25 -4.20 -16.76
C LEU A 42 -21.22 -4.12 -18.28
N ASP A 43 -20.05 -3.82 -18.83
CA ASP A 43 -19.89 -3.74 -20.28
C ASP A 43 -20.30 -5.06 -20.91
N ALA A 44 -19.88 -6.16 -20.29
CA ALA A 44 -20.21 -7.50 -20.79
C ALA A 44 -21.71 -7.77 -20.70
N ALA A 45 -22.39 -7.04 -19.80
CA ALA A 45 -23.82 -7.20 -19.62
C ALA A 45 -24.59 -6.20 -20.46
N GLY A 46 -23.87 -5.45 -21.29
CA GLY A 46 -24.50 -4.47 -22.16
C GLY A 46 -24.97 -3.22 -21.43
N ILE A 47 -24.30 -2.90 -20.32
CA ILE A 47 -24.66 -1.73 -19.53
C ILE A 47 -23.48 -0.77 -19.37
N GLU A 48 -23.76 0.52 -19.49
CA GLU A 48 -22.74 1.55 -19.34
C GLU A 48 -23.23 2.60 -18.35
N LEU A 49 -22.34 3.09 -17.50
CA LEU A 49 -22.71 4.08 -16.48
C LEU A 49 -22.08 5.45 -16.73
N ASP A 50 -22.86 6.51 -16.52
CA ASP A 50 -22.39 7.88 -16.67
C ASP A 50 -22.47 8.55 -15.30
N VAL A 51 -21.32 8.89 -14.73
CA VAL A 51 -21.30 9.51 -13.41
C VAL A 51 -21.92 10.91 -13.40
N LEU A 52 -22.54 11.27 -12.27
CA LEU A 52 -23.17 12.58 -12.14
C LEU A 52 -22.14 13.70 -12.20
N SER A 53 -22.45 14.74 -12.97
CA SER A 53 -21.56 15.89 -13.06
C SER A 53 -21.85 16.75 -11.83
N GLY A 54 -20.99 17.72 -11.57
CA GLY A 54 -21.21 18.58 -10.43
C GLY A 54 -22.51 19.35 -10.56
N GLN A 55 -22.88 19.65 -11.81
CA GLN A 55 -24.09 20.40 -12.10
C GLN A 55 -25.39 19.60 -11.86
N GLN A 56 -25.27 18.27 -11.82
CA GLN A 56 -26.43 17.42 -11.55
C GLN A 56 -26.16 16.66 -10.26
N GLY A 57 -25.16 17.13 -9.52
CA GLY A 57 -24.77 16.49 -8.27
C GLY A 57 -25.79 16.34 -7.16
N THR A 58 -26.78 17.21 -7.08
CA THR A 58 -27.77 17.10 -6.01
C THR A 58 -28.57 15.80 -6.08
N VAL A 59 -28.56 15.14 -7.23
CA VAL A 59 -29.27 13.87 -7.40
C VAL A 59 -28.70 12.80 -6.46
N HIS A 60 -27.46 12.99 -6.04
CA HIS A 60 -26.78 12.08 -5.12
C HIS A 60 -27.57 12.05 -3.79
N PHE A 61 -28.30 13.13 -3.53
CA PHE A 61 -29.11 13.27 -2.30
C PHE A 61 -30.62 13.24 -2.56
N THR A 62 -31.06 13.56 -3.78
CA THR A 62 -32.50 13.61 -4.10
C THR A 62 -33.07 12.46 -4.93
N TYR A 63 -32.22 11.75 -5.66
CA TYR A 63 -32.67 10.60 -6.47
C TYR A 63 -33.68 10.95 -7.55
N ASP A 64 -33.75 12.23 -7.90
CA ASP A 64 -34.70 12.70 -8.90
C ASP A 64 -34.25 12.57 -10.37
N GLN A 65 -34.13 11.32 -10.82
CA GLN A 65 -33.76 10.98 -12.19
C GLN A 65 -34.44 9.63 -12.51
N PRO A 66 -34.81 9.40 -13.78
CA PRO A 66 -35.48 8.17 -14.23
C PRO A 66 -34.71 6.85 -14.29
N ALA A 67 -33.40 6.92 -14.52
CA ALA A 67 -32.58 5.72 -14.62
C ALA A 67 -31.27 5.95 -13.89
N TYR A 68 -31.38 6.20 -12.59
CA TYR A 68 -30.23 6.49 -11.73
C TYR A 68 -29.99 5.41 -10.67
N THR A 69 -28.72 5.06 -10.46
CA THR A 69 -28.36 4.07 -9.45
C THR A 69 -27.19 4.60 -8.62
N ARG A 70 -27.27 4.39 -7.31
CA ARG A 70 -26.23 4.86 -6.38
C ARG A 70 -25.88 3.81 -5.34
N PHE A 71 -24.61 3.74 -4.98
CA PHE A 71 -24.17 2.81 -3.95
C PHE A 71 -23.34 3.69 -3.00
N GLY A 72 -23.90 4.00 -1.84
CA GLY A 72 -23.19 4.86 -0.89
C GLY A 72 -23.77 4.90 0.51
N GLY A 73 -23.44 5.97 1.24
CA GLY A 73 -23.92 6.13 2.61
C GLY A 73 -25.44 6.08 2.69
N GLU A 74 -25.95 5.53 3.78
CA GLU A 74 -27.40 5.38 3.94
C GLU A 74 -28.21 6.59 4.41
N ILE A 75 -27.55 7.62 4.93
CA ILE A 75 -28.30 8.76 5.43
C ILE A 75 -29.07 9.54 4.37
N PRO A 76 -28.44 9.90 3.24
CA PRO A 76 -29.21 10.64 2.23
C PRO A 76 -30.46 9.90 1.72
N PRO A 77 -30.32 8.62 1.34
CA PRO A 77 -31.52 7.92 0.84
C PRO A 77 -32.60 7.69 1.92
N LEU A 78 -32.18 7.54 3.18
CA LEU A 78 -33.18 7.35 4.25
C LEU A 78 -33.98 8.65 4.40
N LEU A 79 -33.31 9.79 4.28
CA LEU A 79 -33.99 11.07 4.39
C LEU A 79 -34.89 11.31 3.18
N SER A 80 -34.42 10.96 2.00
CA SER A 80 -35.24 11.15 0.80
C SER A 80 -36.51 10.31 0.86
N GLU A 81 -36.37 9.03 1.23
CA GLU A 81 -37.52 8.13 1.32
C GLU A 81 -38.42 8.35 2.53
N GLY A 82 -37.82 8.70 3.67
CA GLY A 82 -38.63 8.87 4.86
C GLY A 82 -39.08 10.26 5.22
N LEU A 83 -38.52 11.28 4.58
CA LEU A 83 -38.88 12.65 4.90
C LEU A 83 -39.34 13.52 3.74
N ARG A 84 -38.71 13.35 2.57
CA ARG A 84 -39.01 14.19 1.42
C ARG A 84 -39.79 13.64 0.22
N ALA A 85 -39.39 12.49 -0.30
CA ALA A 85 -40.06 11.94 -1.48
C ALA A 85 -40.19 10.44 -1.49
N PRO A 86 -41.14 9.90 -0.70
CA PRO A 86 -41.36 8.46 -0.61
C PRO A 86 -41.69 7.83 -1.97
N GLY A 87 -40.94 6.80 -2.34
CA GLY A 87 -41.21 6.11 -3.60
C GLY A 87 -40.26 6.26 -4.77
N ARG A 88 -39.30 7.19 -4.68
CA ARG A 88 -38.38 7.40 -5.79
C ARG A 88 -37.42 6.24 -6.04
N THR A 89 -37.06 5.50 -5.00
CA THR A 89 -36.11 4.40 -5.14
C THR A 89 -36.51 3.07 -4.52
N ARG A 90 -35.77 2.03 -4.91
CA ARG A 90 -35.94 0.67 -4.36
C ARG A 90 -34.53 0.27 -3.90
N LEU A 91 -34.45 -0.53 -2.84
CA LEU A 91 -33.18 -0.99 -2.30
C LEU A 91 -32.79 -2.36 -2.86
N LEU A 92 -31.65 -2.43 -3.55
CA LEU A 92 -31.19 -3.66 -4.17
C LEU A 92 -30.24 -4.50 -3.30
N GLY A 93 -29.46 -3.84 -2.44
CA GLY A 93 -28.53 -4.58 -1.61
C GLY A 93 -27.80 -3.70 -0.61
N ILE A 94 -27.05 -4.33 0.29
CA ILE A 94 -26.30 -3.65 1.34
C ILE A 94 -24.89 -4.20 1.48
N THR A 95 -23.93 -3.32 1.77
CA THR A 95 -22.55 -3.73 2.01
C THR A 95 -22.07 -2.95 3.24
N PRO A 96 -21.87 -3.66 4.37
CA PRO A 96 -21.41 -3.02 5.60
C PRO A 96 -20.08 -2.28 5.43
N LEU A 97 -19.88 -1.25 6.25
CA LEU A 97 -18.66 -0.44 6.23
C LEU A 97 -18.08 -0.31 7.64
N LEU A 98 -16.81 -0.67 7.80
CA LEU A 98 -16.13 -0.55 9.08
C LEU A 98 -14.62 -0.60 8.87
N GLY A 99 -13.91 0.41 9.39
CA GLY A 99 -12.46 0.47 9.26
C GLY A 99 -11.88 1.49 10.21
N ARG A 100 -10.67 1.98 9.92
CA ARG A 100 -10.03 2.97 10.78
C ARG A 100 -11.02 4.14 10.99
N GLN A 101 -11.30 4.45 12.26
CA GLN A 101 -12.27 5.51 12.57
C GLN A 101 -12.08 6.02 14.00
N GLY A 102 -12.27 7.32 14.21
CA GLY A 102 -12.14 7.85 15.55
C GLY A 102 -11.74 9.31 15.63
N PHE A 103 -11.55 9.80 16.85
CA PHE A 103 -11.11 11.17 17.04
C PHE A 103 -9.59 11.14 17.14
N PHE A 104 -8.95 11.72 16.14
CA PHE A 104 -7.50 11.76 16.02
C PHE A 104 -6.83 12.94 16.72
N VAL A 105 -5.62 12.67 17.20
CA VAL A 105 -4.77 13.67 17.85
C VAL A 105 -3.38 13.51 17.25
N ARG A 106 -2.53 14.52 17.40
CA ARG A 106 -1.16 14.44 16.88
C ARG A 106 -0.40 13.40 17.71
N ASP A 107 0.57 12.73 17.09
CA ASP A 107 1.35 11.72 17.82
C ASP A 107 2.01 12.28 19.07
N ASP A 108 2.47 13.54 18.98
CA ASP A 108 3.14 14.16 20.12
C ASP A 108 2.19 14.74 21.17
N SER A 109 0.91 14.50 21.02
CA SER A 109 -0.07 15.01 21.99
C SER A 109 -0.02 14.21 23.29
N PRO A 110 -0.17 14.90 24.43
CA PRO A 110 -0.14 14.19 25.72
C PRO A 110 -1.41 13.37 25.94
N ILE A 111 -2.38 13.50 25.04
CA ILE A 111 -3.64 12.76 25.14
C ILE A 111 -3.43 11.34 24.61
N THR A 112 -3.56 10.35 25.50
CA THR A 112 -3.38 8.95 25.10
C THR A 112 -4.54 8.05 25.45
N ALA A 113 -5.46 8.54 26.28
CA ALA A 113 -6.63 7.77 26.68
C ALA A 113 -7.88 8.63 26.57
N ALA A 114 -9.04 7.98 26.44
CA ALA A 114 -10.31 8.70 26.32
C ALA A 114 -10.54 9.69 27.46
N ALA A 115 -10.16 9.29 28.68
CA ALA A 115 -10.35 10.15 29.84
C ALA A 115 -9.57 11.46 29.74
N ASP A 116 -8.50 11.46 28.95
CA ASP A 116 -7.67 12.65 28.77
C ASP A 116 -8.37 13.74 27.96
N LEU A 117 -9.54 13.41 27.39
CA LEU A 117 -10.28 14.39 26.59
C LEU A 117 -11.10 15.35 27.43
N ALA A 118 -11.15 15.08 28.74
CA ALA A 118 -11.91 15.94 29.65
C ALA A 118 -11.46 17.40 29.55
N GLY A 119 -12.41 18.28 29.28
CA GLY A 119 -12.12 19.70 29.17
C GLY A 119 -11.36 20.15 27.94
N ARG A 120 -11.06 19.21 27.04
CA ARG A 120 -10.31 19.54 25.83
C ARG A 120 -11.16 20.07 24.68
N ARG A 121 -10.49 20.62 23.67
CA ARG A 121 -11.14 21.21 22.52
C ARG A 121 -11.37 20.21 21.39
N ILE A 122 -12.63 19.85 21.18
CA ILE A 122 -13.00 18.89 20.14
C ILE A 122 -13.52 19.61 18.90
N GLY A 123 -12.80 19.49 17.80
CA GLY A 123 -13.24 20.14 16.57
C GLY A 123 -14.31 19.30 15.90
N VAL A 124 -15.48 19.92 15.65
CA VAL A 124 -16.60 19.24 15.00
C VAL A 124 -17.34 20.19 14.07
N SER A 125 -18.02 19.63 13.08
CA SER A 125 -18.78 20.41 12.12
C SER A 125 -19.96 21.12 12.77
N ALA A 126 -20.44 22.17 12.12
CA ALA A 126 -21.60 22.91 12.62
C ALA A 126 -22.79 21.93 12.67
N SER A 127 -22.83 21.00 11.73
CA SER A 127 -23.91 20.00 11.69
C SER A 127 -23.89 19.14 12.94
N ALA A 128 -22.71 18.62 13.27
CA ALA A 128 -22.56 17.77 14.45
C ALA A 128 -22.92 18.56 15.72
N ILE A 129 -22.57 19.84 15.75
CA ILE A 129 -22.88 20.66 16.91
C ILE A 129 -24.39 20.77 17.12
N ARG A 130 -25.16 20.91 16.04
CA ARG A 130 -26.61 20.98 16.19
C ARG A 130 -27.14 19.71 16.85
N ILE A 131 -26.66 18.56 16.36
CA ILE A 131 -27.09 17.27 16.90
C ILE A 131 -26.66 17.05 18.35
N LEU A 132 -25.39 17.33 18.64
CA LEU A 132 -24.88 17.14 19.99
C LEU A 132 -25.56 18.07 21.02
N ARG A 133 -26.00 19.25 20.58
CA ARG A 133 -26.68 20.20 21.47
C ARG A 133 -28.18 19.90 21.54
N GLY A 134 -28.68 19.08 20.62
CA GLY A 134 -30.10 18.78 20.60
C GLY A 134 -30.91 19.99 20.18
N GLN A 135 -30.32 20.83 19.34
CA GLN A 135 -30.97 22.04 18.85
C GLN A 135 -30.81 22.09 17.32
N LEU A 136 -31.77 21.52 16.61
CA LEU A 136 -31.72 21.46 15.15
C LEU A 136 -32.08 22.74 14.40
N GLY A 137 -32.65 23.71 15.10
CA GLY A 137 -33.00 24.97 14.45
C GLY A 137 -33.96 24.85 13.27
N ASP A 138 -33.58 25.45 12.14
CA ASP A 138 -34.42 25.45 10.94
C ASP A 138 -34.37 24.18 10.09
N TYR A 139 -33.82 23.10 10.64
CA TYR A 139 -33.69 21.83 9.94
C TYR A 139 -34.82 21.44 8.99
N LEU A 140 -36.06 21.40 9.48
CA LEU A 140 -37.19 21.01 8.65
C LEU A 140 -37.55 21.99 7.53
N GLU A 141 -37.02 23.20 7.60
CA GLU A 141 -37.31 24.22 6.59
C GLU A 141 -36.23 24.30 5.50
N LEU A 142 -35.13 23.58 5.70
CA LEU A 142 -34.02 23.61 4.74
C LEU A 142 -34.29 22.87 3.43
N ASP A 143 -33.56 23.26 2.39
CA ASP A 143 -33.67 22.63 1.09
C ASP A 143 -33.01 21.26 1.23
N PRO A 144 -33.30 20.33 0.32
CA PRO A 144 -32.74 18.99 0.36
C PRO A 144 -31.23 18.88 0.59
N TRP A 145 -30.43 19.63 -0.17
CA TRP A 145 -28.99 19.54 -0.01
C TRP A 145 -28.51 19.97 1.38
N ARG A 146 -28.87 21.17 1.80
CA ARG A 146 -28.46 21.65 3.12
C ARG A 146 -29.03 20.82 4.27
N GLN A 147 -30.26 20.34 4.09
CA GLN A 147 -30.91 19.52 5.12
C GLN A 147 -30.12 18.23 5.35
N THR A 148 -29.80 17.54 4.26
CA THR A 148 -29.05 16.29 4.38
C THR A 148 -27.68 16.53 5.02
N LEU A 149 -27.03 17.65 4.70
CA LEU A 149 -25.73 17.94 5.30
C LEU A 149 -25.80 18.07 6.81
N VAL A 150 -26.94 18.51 7.34
CA VAL A 150 -27.08 18.62 8.79
C VAL A 150 -27.08 17.19 9.35
N ALA A 151 -27.83 16.30 8.70
CA ALA A 151 -27.92 14.91 9.15
C ALA A 151 -26.58 14.17 9.07
N LEU A 152 -25.72 14.58 8.14
CA LEU A 152 -24.43 13.91 8.01
C LEU A 152 -23.53 14.20 9.22
N GLY A 153 -23.97 15.13 10.08
CA GLY A 153 -23.21 15.43 11.28
C GLY A 153 -23.32 14.25 12.25
N SER A 154 -24.15 13.27 11.90
CA SER A 154 -24.35 12.09 12.72
C SER A 154 -23.09 11.25 12.93
N TRP A 155 -22.23 11.17 11.93
CA TRP A 155 -21.01 10.36 12.05
C TRP A 155 -20.14 10.85 13.21
N GLU A 156 -19.91 12.16 13.26
CA GLU A 156 -19.12 12.76 14.33
C GLU A 156 -19.83 12.64 15.67
N ALA A 157 -21.13 12.90 15.68
CA ALA A 157 -21.90 12.85 16.92
C ALA A 157 -21.88 11.48 17.59
N ARG A 158 -22.19 10.42 16.86
CA ARG A 158 -22.18 9.09 17.45
C ARG A 158 -20.77 8.68 17.85
N ALA A 159 -19.78 9.02 17.01
CA ALA A 159 -18.40 8.66 17.30
C ALA A 159 -17.90 9.34 18.58
N LEU A 160 -18.29 10.59 18.80
CA LEU A 160 -17.85 11.29 20.00
C LEU A 160 -18.50 10.69 21.24
N LEU A 161 -19.79 10.40 21.15
CA LEU A 161 -20.51 9.80 22.27
C LEU A 161 -19.86 8.47 22.67
N HIS A 162 -19.58 7.62 21.69
CA HIS A 162 -18.97 6.32 21.97
C HIS A 162 -17.55 6.47 22.52
N THR A 163 -16.79 7.42 21.99
CA THR A 163 -15.43 7.65 22.44
C THR A 163 -15.39 8.13 23.89
N LEU A 164 -16.24 9.09 24.22
CA LEU A 164 -16.27 9.63 25.57
C LEU A 164 -16.74 8.58 26.59
N GLU A 165 -17.63 7.69 26.16
CA GLU A 165 -18.11 6.63 27.04
C GLU A 165 -16.94 5.83 27.60
N HIS A 166 -15.93 5.62 26.77
CA HIS A 166 -14.73 4.87 27.18
C HIS A 166 -14.00 5.53 28.33
N GLY A 167 -14.10 6.86 28.41
CA GLY A 167 -13.42 7.58 29.47
C GLY A 167 -14.36 7.99 30.58
N GLU A 168 -15.56 7.40 30.59
CA GLU A 168 -16.57 7.72 31.59
C GLU A 168 -16.89 9.21 31.57
N LEU A 169 -16.99 9.75 30.36
CA LEU A 169 -17.29 11.16 30.16
C LEU A 169 -18.51 11.34 29.27
N GLY A 170 -19.06 12.56 29.29
CA GLY A 170 -20.21 12.88 28.46
C GLY A 170 -19.87 14.10 27.63
N VAL A 171 -20.74 14.49 26.71
CA VAL A 171 -20.47 15.65 25.87
C VAL A 171 -20.36 16.96 26.64
N ASP A 172 -21.03 17.03 27.80
CA ASP A 172 -20.96 18.24 28.61
C ASP A 172 -19.59 18.40 29.24
N ASP A 173 -18.76 17.37 29.12
CA ASP A 173 -17.43 17.41 29.72
C ASP A 173 -16.33 17.91 28.78
N VAL A 174 -16.69 18.30 27.55
CA VAL A 174 -15.70 18.79 26.60
C VAL A 174 -16.13 20.10 25.95
N GLU A 175 -15.22 20.70 25.18
CA GLU A 175 -15.47 21.97 24.48
C GLU A 175 -15.67 21.69 22.99
N LEU A 176 -16.84 22.04 22.44
CA LEU A 176 -17.10 21.81 21.02
C LEU A 176 -16.73 23.06 20.22
N VAL A 177 -15.76 22.91 19.31
CA VAL A 177 -15.28 24.01 18.47
C VAL A 177 -15.59 23.76 16.99
N PRO A 178 -16.26 24.71 16.33
CA PRO A 178 -16.60 24.56 14.91
C PRO A 178 -15.42 24.47 13.94
N ILE A 179 -15.44 23.43 13.09
CA ILE A 179 -14.42 23.26 12.05
C ILE A 179 -15.10 22.68 10.80
N SER A 180 -14.35 22.58 9.72
CA SER A 180 -14.87 22.00 8.48
C SER A 180 -14.56 20.50 8.51
N SER A 181 -15.57 19.68 8.18
CA SER A 181 -15.40 18.23 8.16
C SER A 181 -15.75 17.74 6.75
N PRO A 182 -14.92 16.85 6.17
CA PRO A 182 -15.19 16.34 4.82
C PRO A 182 -16.51 15.60 4.64
N GLY A 183 -17.23 15.93 3.58
CA GLY A 183 -18.51 15.29 3.32
C GLY A 183 -19.68 15.97 4.02
N VAL A 184 -19.39 16.68 5.10
CA VAL A 184 -20.42 17.39 5.86
C VAL A 184 -20.49 18.84 5.41
N ASP A 185 -19.33 19.44 5.20
CA ASP A 185 -19.24 20.82 4.76
C ASP A 185 -18.96 20.81 3.25
N VAL A 186 -20.04 20.87 2.47
CA VAL A 186 -19.94 20.87 1.01
C VAL A 186 -20.89 21.92 0.43
N PRO A 187 -20.41 23.16 0.28
CA PRO A 187 -21.21 24.27 -0.26
C PRO A 187 -21.73 23.96 -1.66
N ALA A 188 -22.91 24.48 -1.98
CA ALA A 188 -23.52 24.27 -3.29
C ALA A 188 -22.60 24.72 -4.43
N GLU A 189 -21.87 25.81 -4.18
CA GLU A 189 -20.96 26.34 -5.20
C GLU A 189 -19.82 25.35 -5.46
N GLN A 190 -19.33 24.73 -4.40
CA GLN A 190 -18.24 23.75 -4.53
C GLN A 190 -18.72 22.56 -5.34
N LEU A 191 -19.92 22.08 -5.04
CA LEU A 191 -20.48 20.94 -5.75
C LEU A 191 -20.61 21.25 -7.24
N GLU A 192 -21.24 22.38 -7.54
CA GLU A 192 -21.46 22.82 -8.92
C GLU A 192 -20.19 23.08 -9.71
N GLU A 193 -19.10 23.41 -9.01
CA GLU A 193 -17.83 23.68 -9.68
C GLU A 193 -17.02 22.41 -9.94
N SER A 194 -17.38 21.33 -9.24
CA SER A 194 -16.67 20.06 -9.39
C SER A 194 -17.07 19.39 -10.72
N ALA A 195 -16.09 18.77 -11.37
CA ALA A 195 -16.35 18.08 -12.63
C ALA A 195 -17.39 16.98 -12.45
N THR A 196 -17.21 16.18 -11.40
CA THR A 196 -18.12 15.09 -11.11
C THR A 196 -18.26 14.92 -9.59
N VAL A 197 -19.08 13.95 -9.19
CA VAL A 197 -19.27 13.69 -7.77
C VAL A 197 -18.34 12.58 -7.28
N LYS A 198 -17.35 12.23 -8.10
CA LYS A 198 -16.38 11.20 -7.70
C LYS A 198 -15.57 11.79 -6.55
N GLY A 199 -15.19 10.94 -5.60
CA GLY A 199 -14.41 11.42 -4.46
C GLY A 199 -13.16 12.18 -4.87
N ALA A 200 -12.52 11.73 -5.95
CA ALA A 200 -11.30 12.39 -6.42
C ALA A 200 -11.53 13.85 -6.80
N ASP A 201 -12.72 14.18 -7.27
CA ASP A 201 -13.03 15.54 -7.66
C ASP A 201 -13.64 16.38 -6.53
N LEU A 202 -14.55 15.78 -5.77
CA LEU A 202 -15.24 16.47 -4.70
C LEU A 202 -14.48 16.59 -3.38
N PHE A 203 -13.66 15.59 -3.08
CA PHE A 203 -12.92 15.57 -1.82
C PHE A 203 -11.41 15.41 -1.99
N PRO A 204 -10.75 16.36 -2.66
CA PRO A 204 -9.31 16.24 -2.84
C PRO A 204 -8.48 16.60 -1.59
N ASP A 205 -7.39 15.87 -1.40
CA ASP A 205 -6.46 16.11 -0.29
C ASP A 205 -7.11 16.38 1.07
N VAL A 206 -7.99 15.47 1.50
CA VAL A 206 -8.66 15.63 2.78
C VAL A 206 -7.70 15.58 3.98
N ALA A 207 -6.86 14.56 4.03
CA ALA A 207 -5.92 14.40 5.15
C ALA A 207 -4.99 15.59 5.36
N ARG A 208 -4.57 16.22 4.26
CA ARG A 208 -3.70 17.39 4.35
C ARG A 208 -4.42 18.50 5.12
N GLY A 209 -5.70 18.68 4.83
CA GLY A 209 -6.48 19.69 5.50
C GLY A 209 -6.72 19.37 6.97
N GLN A 210 -6.95 18.09 7.28
CA GLN A 210 -7.18 17.70 8.66
C GLN A 210 -5.90 17.82 9.49
N ALA A 211 -4.76 17.53 8.87
CA ALA A 211 -3.49 17.65 9.58
C ALA A 211 -3.24 19.12 9.92
N ALA A 212 -3.65 20.01 9.02
CA ALA A 212 -3.49 21.44 9.26
C ALA A 212 -4.34 21.88 10.45
N VAL A 213 -5.56 21.34 10.57
CA VAL A 213 -6.42 21.70 11.68
C VAL A 213 -5.77 21.25 12.99
N LEU A 214 -5.20 20.05 13.00
CA LEU A 214 -4.54 19.56 14.21
C LEU A 214 -3.25 20.32 14.52
N ALA A 215 -2.70 21.01 13.53
CA ALA A 215 -1.47 21.78 13.72
C ALA A 215 -1.73 23.26 14.00
N SER A 216 -3.00 23.66 13.96
CA SER A 216 -3.39 25.04 14.15
C SER A 216 -3.22 25.60 15.56
N GLY A 217 -3.22 24.71 16.54
CA GLY A 217 -3.07 25.14 17.93
C GLY A 217 -4.40 25.52 18.57
N ASP A 218 -5.50 25.41 17.82
CA ASP A 218 -6.81 25.77 18.35
C ASP A 218 -7.74 24.58 18.62
N VAL A 219 -7.28 23.39 18.26
CA VAL A 219 -8.08 22.17 18.44
C VAL A 219 -7.20 21.06 18.99
N ASP A 220 -7.78 20.16 19.78
CA ASP A 220 -7.04 19.03 20.35
C ASP A 220 -7.31 17.72 19.61
N ALA A 221 -8.50 17.59 19.02
CA ALA A 221 -8.85 16.37 18.30
C ALA A 221 -9.97 16.63 17.28
N LEU A 222 -10.05 15.77 16.26
CA LEU A 222 -11.08 15.86 15.24
C LEU A 222 -11.42 14.46 14.71
N TYR A 223 -12.60 14.32 14.10
CA TYR A 223 -13.05 13.03 13.58
C TYR A 223 -12.57 12.71 12.18
N SER A 224 -12.03 11.50 11.99
CA SER A 224 -11.61 11.06 10.66
C SER A 224 -11.93 9.58 10.50
N TRP A 225 -12.19 9.18 9.26
CA TRP A 225 -12.52 7.79 8.93
C TRP A 225 -12.34 7.59 7.43
N LEU A 226 -12.71 6.41 6.92
CA LEU A 226 -12.56 6.09 5.50
C LEU A 226 -11.06 6.15 5.15
N PRO A 227 -10.70 6.12 3.85
CA PRO A 227 -9.27 6.19 3.52
C PRO A 227 -8.61 7.49 3.99
N TRP A 228 -9.43 8.50 4.24
CA TRP A 228 -8.91 9.78 4.72
C TRP A 228 -8.18 9.58 6.05
N ALA A 229 -8.71 8.71 6.90
CA ALA A 229 -8.09 8.42 8.20
C ALA A 229 -6.74 7.74 8.01
N GLY A 230 -6.63 6.91 6.97
CA GLY A 230 -5.39 6.22 6.71
C GLY A 230 -4.31 7.21 6.35
N GLU A 231 -4.65 8.19 5.51
CA GLU A 231 -3.68 9.19 5.10
C GLU A 231 -3.36 10.15 6.26
N LEU A 232 -4.34 10.44 7.11
CA LEU A 232 -4.11 11.32 8.25
C LEU A 232 -3.12 10.65 9.20
N GLN A 233 -3.32 9.36 9.44
CA GLN A 233 -2.45 8.60 10.32
C GLN A 233 -1.01 8.67 9.80
N ALA A 234 -0.87 8.61 8.49
CA ALA A 234 0.45 8.65 7.85
C ALA A 234 1.19 9.98 8.06
N THR A 235 0.46 11.04 8.40
CA THR A 235 1.11 12.34 8.62
C THR A 235 1.70 12.39 10.01
N GLY A 236 1.33 11.41 10.84
CA GLY A 236 1.82 11.36 12.21
C GLY A 236 0.73 11.69 13.20
N ALA A 237 -0.41 11.00 13.07
CA ALA A 237 -1.55 11.20 13.96
C ALA A 237 -2.12 9.84 14.35
N ARG A 238 -2.91 9.80 15.42
CA ARG A 238 -3.49 8.54 15.89
C ARG A 238 -4.85 8.74 16.56
N PRO A 239 -5.73 7.72 16.50
CA PRO A 239 -7.04 7.84 17.12
C PRO A 239 -6.94 7.57 18.63
N VAL A 240 -7.65 8.35 19.43
CA VAL A 240 -7.61 8.16 20.88
C VAL A 240 -8.18 6.77 21.17
N VAL A 241 -9.24 6.42 20.44
CA VAL A 241 -9.88 5.11 20.53
C VAL A 241 -10.21 4.71 19.10
N ASP A 242 -9.73 3.56 18.64
CA ASP A 242 -10.02 3.11 17.29
C ASP A 242 -11.38 2.46 17.26
N LEU A 243 -12.39 3.23 16.85
CA LEU A 243 -13.77 2.76 16.77
C LEU A 243 -13.95 1.64 15.74
N GLY A 244 -12.97 1.50 14.85
CA GLY A 244 -13.05 0.45 13.84
C GLY A 244 -12.95 -0.94 14.44
N LEU A 245 -12.55 -1.02 15.71
CA LEU A 245 -12.42 -2.31 16.38
C LEU A 245 -13.71 -2.82 17.01
N ASP A 246 -14.77 -2.01 16.93
CA ASP A 246 -16.06 -2.40 17.52
C ASP A 246 -17.18 -2.22 16.49
N GLU A 247 -17.93 -3.30 16.25
CA GLU A 247 -19.03 -3.29 15.28
C GLU A 247 -20.13 -2.26 15.51
N ARG A 248 -20.25 -1.71 16.71
CA ARG A 248 -21.31 -0.73 16.95
C ARG A 248 -21.04 0.59 16.21
N ASN A 249 -19.89 0.67 15.55
CA ASN A 249 -19.54 1.88 14.81
C ASN A 249 -19.62 1.65 13.29
N ALA A 250 -20.18 0.51 12.91
CA ALA A 250 -20.34 0.19 11.50
C ALA A 250 -21.56 0.89 10.91
N TYR A 251 -21.57 1.03 9.59
CA TYR A 251 -22.68 1.63 8.85
C TYR A 251 -23.05 0.68 7.70
N ALA A 252 -24.25 0.85 7.15
CA ALA A 252 -24.72 0.01 6.06
C ALA A 252 -24.82 0.77 4.74
N SER A 253 -23.83 0.60 3.87
CA SER A 253 -23.88 1.27 2.57
C SER A 253 -25.03 0.62 1.80
N VAL A 254 -25.81 1.45 1.10
CA VAL A 254 -26.95 0.94 0.35
C VAL A 254 -26.89 1.18 -1.16
N TRP A 255 -27.40 0.21 -1.91
CA TRP A 255 -27.44 0.28 -3.36
C TRP A 255 -28.90 0.50 -3.78
N THR A 256 -29.15 1.67 -4.36
CA THR A 256 -30.50 2.02 -4.79
C THR A 256 -30.59 2.19 -6.29
N VAL A 257 -31.81 2.14 -6.81
CA VAL A 257 -32.08 2.31 -8.23
C VAL A 257 -33.47 2.95 -8.36
N SER A 258 -33.69 3.69 -9.44
CA SER A 258 -34.98 4.35 -9.67
C SER A 258 -36.10 3.30 -9.64
N SER A 259 -37.16 3.58 -8.89
CA SER A 259 -38.28 2.64 -8.78
C SER A 259 -38.91 2.27 -10.11
N GLY A 260 -38.95 3.21 -11.04
CA GLY A 260 -39.53 2.95 -12.35
C GLY A 260 -38.80 1.85 -13.11
N LEU A 261 -37.49 1.73 -12.92
CA LEU A 261 -36.74 0.70 -13.61
C LEU A 261 -37.11 -0.69 -13.11
N VAL A 262 -37.37 -0.79 -11.80
CA VAL A 262 -37.75 -2.07 -11.21
C VAL A 262 -39.10 -2.55 -11.75
N ARG A 263 -40.05 -1.63 -11.85
CA ARG A 263 -41.37 -1.98 -12.35
C ARG A 263 -41.45 -2.13 -13.88
N GLN A 264 -40.75 -1.25 -14.59
CA GLN A 264 -40.79 -1.24 -16.05
C GLN A 264 -39.71 -2.05 -16.78
N ARG A 265 -38.53 -2.15 -16.20
CA ARG A 265 -37.42 -2.88 -16.83
C ARG A 265 -36.74 -3.88 -15.90
N PRO A 266 -37.49 -4.86 -15.38
CA PRO A 266 -36.90 -5.85 -14.47
C PRO A 266 -35.75 -6.65 -15.09
N GLY A 267 -35.80 -6.84 -16.41
CA GLY A 267 -34.75 -7.57 -17.09
C GLY A 267 -33.43 -6.84 -16.99
N LEU A 268 -33.48 -5.51 -17.13
CA LEU A 268 -32.29 -4.68 -17.05
C LEU A 268 -31.74 -4.69 -15.62
N VAL A 269 -32.63 -4.54 -14.65
CA VAL A 269 -32.20 -4.54 -13.25
C VAL A 269 -31.58 -5.89 -12.89
N GLN A 270 -32.11 -6.98 -13.44
CA GLN A 270 -31.56 -8.30 -13.14
C GLN A 270 -30.15 -8.41 -13.70
N ARG A 271 -29.93 -7.89 -14.90
CA ARG A 271 -28.60 -7.93 -15.51
C ARG A 271 -27.63 -7.09 -14.68
N LEU A 272 -28.13 -5.98 -14.15
CA LEU A 272 -27.33 -5.08 -13.32
C LEU A 272 -26.87 -5.79 -12.04
N VAL A 273 -27.82 -6.43 -11.36
CA VAL A 273 -27.51 -7.14 -10.12
C VAL A 273 -26.62 -8.35 -10.38
N ASP A 274 -26.86 -9.09 -11.46
CA ASP A 274 -26.04 -10.24 -11.79
C ASP A 274 -24.58 -9.82 -11.98
N ALA A 275 -24.38 -8.69 -12.67
CA ALA A 275 -23.04 -8.18 -12.93
C ALA A 275 -22.33 -7.79 -11.63
N ALA A 276 -23.06 -7.17 -10.71
CA ALA A 276 -22.49 -6.75 -9.43
C ALA A 276 -22.10 -7.97 -8.59
N VAL A 277 -22.94 -9.01 -8.64
CA VAL A 277 -22.65 -10.22 -7.88
C VAL A 277 -21.42 -10.91 -8.44
N ASP A 278 -21.33 -10.97 -9.78
CA ASP A 278 -20.18 -11.61 -10.42
C ASP A 278 -18.91 -10.82 -10.13
N ALA A 279 -19.01 -9.49 -10.10
CA ALA A 279 -17.86 -8.66 -9.81
C ALA A 279 -17.42 -8.88 -8.36
N GLY A 280 -18.40 -9.08 -7.48
CA GLY A 280 -18.10 -9.31 -6.08
C GLY A 280 -17.38 -10.63 -5.85
N LEU A 281 -17.75 -11.65 -6.63
CA LEU A 281 -17.11 -12.95 -6.51
C LEU A 281 -15.69 -12.86 -7.06
N TRP A 282 -15.57 -12.17 -8.20
CA TRP A 282 -14.29 -11.96 -8.88
C TRP A 282 -13.31 -11.21 -7.98
N ALA A 283 -13.82 -10.22 -7.24
CA ALA A 283 -12.98 -9.41 -6.35
C ALA A 283 -12.19 -10.23 -5.33
N ARG A 284 -12.75 -11.35 -4.89
CA ARG A 284 -12.10 -12.21 -3.91
C ARG A 284 -10.74 -12.70 -4.37
N ASP A 285 -10.56 -12.86 -5.68
CA ASP A 285 -9.29 -13.35 -6.23
C ASP A 285 -8.47 -12.27 -6.92
N HIS A 286 -8.94 -11.01 -6.86
CA HIS A 286 -8.22 -9.91 -7.47
C HIS A 286 -8.19 -8.70 -6.54
N SER A 287 -7.70 -8.94 -5.32
CA SER A 287 -7.61 -7.91 -4.30
C SER A 287 -6.89 -6.63 -4.71
N ASP A 288 -5.72 -6.76 -5.32
CA ASP A 288 -4.96 -5.59 -5.73
C ASP A 288 -5.68 -4.70 -6.75
N ALA A 289 -6.33 -5.34 -7.73
CA ALA A 289 -7.05 -4.60 -8.75
C ALA A 289 -8.20 -3.82 -8.13
N VAL A 290 -8.89 -4.44 -7.19
CA VAL A 290 -10.02 -3.82 -6.51
C VAL A 290 -9.55 -2.65 -5.64
N THR A 291 -8.42 -2.82 -4.98
CA THR A 291 -7.86 -1.75 -4.14
C THR A 291 -7.51 -0.57 -5.04
N SER A 292 -6.87 -0.86 -6.16
CA SER A 292 -6.46 0.18 -7.11
C SER A 292 -7.61 0.99 -7.70
N LEU A 293 -8.70 0.32 -8.07
CA LEU A 293 -9.82 1.05 -8.67
C LEU A 293 -10.53 1.92 -7.65
N HIS A 294 -10.58 1.49 -6.39
CA HIS A 294 -11.23 2.31 -5.36
C HIS A 294 -10.32 3.51 -5.06
N ALA A 295 -9.01 3.27 -4.99
CA ALA A 295 -8.05 4.34 -4.72
C ALA A 295 -8.12 5.43 -5.80
N ALA A 296 -8.20 5.04 -7.06
CA ALA A 296 -8.26 6.01 -8.15
C ALA A 296 -9.56 6.81 -8.13
N ASN A 297 -10.66 6.13 -7.85
CA ASN A 297 -11.98 6.76 -7.82
C ASN A 297 -12.08 7.83 -6.73
N LEU A 298 -11.41 7.58 -5.61
CA LEU A 298 -11.46 8.48 -4.47
C LEU A 298 -10.30 9.46 -4.33
N GLY A 299 -9.24 9.26 -5.13
CA GLY A 299 -8.09 10.15 -5.07
C GLY A 299 -7.24 9.97 -3.82
N VAL A 300 -7.05 8.73 -3.41
CA VAL A 300 -6.25 8.43 -2.22
C VAL A 300 -5.22 7.35 -2.51
N SER A 301 -4.30 7.15 -1.58
CA SER A 301 -3.26 6.13 -1.75
C SER A 301 -3.86 4.73 -1.62
N THR A 302 -3.20 3.75 -2.24
CA THR A 302 -3.69 2.38 -2.19
C THR A 302 -3.62 1.81 -0.76
N GLY A 303 -2.61 2.22 -0.01
CA GLY A 303 -2.49 1.73 1.36
C GLY A 303 -3.59 2.25 2.27
N ALA A 304 -4.04 3.48 2.00
CA ALA A 304 -5.11 4.08 2.79
C ALA A 304 -6.45 3.37 2.62
N VAL A 305 -6.65 2.75 1.45
CA VAL A 305 -7.89 2.04 1.18
C VAL A 305 -8.05 0.87 2.15
N GLY A 306 -6.99 0.09 2.32
CA GLY A 306 -7.04 -1.05 3.23
C GLY A 306 -7.27 -0.64 4.66
N GLN A 307 -6.67 0.48 5.07
CA GLN A 307 -6.83 0.95 6.42
C GLN A 307 -8.25 1.48 6.64
N GLY A 308 -8.76 2.20 5.64
CA GLY A 308 -10.09 2.77 5.75
C GLY A 308 -11.27 1.81 5.63
N PHE A 309 -11.10 0.74 4.86
CA PHE A 309 -12.18 -0.23 4.65
C PHE A 309 -11.94 -1.59 5.33
N GLY A 310 -10.74 -1.82 5.84
CA GLY A 310 -10.45 -3.10 6.45
C GLY A 310 -9.61 -3.96 5.51
N ALA A 311 -8.62 -4.64 6.07
CA ALA A 311 -7.69 -5.49 5.32
C ALA A 311 -8.24 -6.41 4.24
N ASP A 312 -9.34 -7.10 4.51
CA ASP A 312 -9.89 -8.00 3.51
C ASP A 312 -11.31 -7.63 3.07
N PHE A 313 -11.51 -6.34 2.83
CA PHE A 313 -12.82 -5.85 2.40
C PHE A 313 -13.20 -6.43 1.04
N GLN A 314 -12.19 -6.85 0.27
CA GLN A 314 -12.43 -7.41 -1.05
C GLN A 314 -13.14 -8.76 -1.00
N GLN A 315 -13.19 -9.37 0.18
CA GLN A 315 -13.85 -10.67 0.35
C GLN A 315 -15.32 -10.48 0.72
N ARG A 316 -15.72 -9.23 0.96
CA ARG A 316 -17.09 -8.92 1.38
C ARG A 316 -17.82 -7.94 0.46
N LEU A 317 -17.65 -8.11 -0.84
CA LEU A 317 -18.28 -7.20 -1.81
C LEU A 317 -19.58 -7.69 -2.45
N VAL A 318 -19.96 -8.94 -2.23
CA VAL A 318 -21.22 -9.41 -2.80
C VAL A 318 -22.33 -8.77 -1.95
N PRO A 319 -23.22 -7.98 -2.59
CA PRO A 319 -24.31 -7.32 -1.85
C PRO A 319 -25.17 -8.29 -1.03
N ARG A 320 -25.72 -7.78 0.07
CA ARG A 320 -26.53 -8.57 0.99
C ARG A 320 -27.90 -7.96 1.31
N LEU A 321 -28.85 -8.82 1.64
CA LEU A 321 -30.18 -8.38 2.05
C LEU A 321 -30.69 -9.29 3.17
N ASP A 322 -29.75 -9.97 3.84
CA ASP A 322 -30.09 -10.87 4.94
C ASP A 322 -30.50 -10.07 6.17
N HIS A 323 -31.05 -10.77 7.17
CA HIS A 323 -31.50 -10.13 8.39
C HIS A 323 -30.45 -9.30 9.12
N ASP A 324 -29.21 -9.76 9.14
CA ASP A 324 -28.15 -9.04 9.84
C ASP A 324 -27.81 -7.72 9.14
N ALA A 325 -27.78 -7.74 7.81
CA ALA A 325 -27.48 -6.53 7.05
C ALA A 325 -28.62 -5.52 7.24
N LEU A 326 -29.86 -5.99 7.22
CA LEU A 326 -31.00 -5.11 7.40
C LEU A 326 -31.04 -4.52 8.81
N ALA A 327 -30.60 -5.28 9.80
CA ALA A 327 -30.58 -4.81 11.18
C ALA A 327 -29.57 -3.67 11.33
N LEU A 328 -28.48 -3.74 10.57
CA LEU A 328 -27.45 -2.70 10.64
C LEU A 328 -28.03 -1.41 10.06
N LEU A 329 -28.73 -1.53 8.94
CA LEU A 329 -29.35 -0.37 8.31
C LEU A 329 -30.40 0.23 9.25
N GLU A 330 -31.16 -0.64 9.91
CA GLU A 330 -32.19 -0.18 10.85
C GLU A 330 -31.54 0.58 12.01
N ARG A 331 -30.37 0.12 12.44
CA ARG A 331 -29.66 0.78 13.54
C ARG A 331 -29.34 2.23 13.20
N THR A 332 -28.85 2.48 12.00
CA THR A 332 -28.55 3.85 11.60
C THR A 332 -29.84 4.66 11.56
N GLN A 333 -30.89 4.06 11.01
CA GLN A 333 -32.18 4.74 10.95
C GLN A 333 -32.66 5.15 12.34
N GLN A 334 -32.45 4.29 13.34
CA GLN A 334 -32.88 4.62 14.68
C GLN A 334 -32.11 5.80 15.26
N PHE A 335 -30.84 5.95 14.90
CA PHE A 335 -30.06 7.09 15.40
C PHE A 335 -30.70 8.37 14.84
N LEU A 336 -31.12 8.32 13.57
CA LEU A 336 -31.73 9.47 12.94
C LEU A 336 -33.08 9.82 13.59
N LEU A 337 -33.88 8.81 13.88
CA LEU A 337 -35.19 9.01 14.50
C LEU A 337 -35.06 9.58 15.91
N THR A 338 -34.19 8.97 16.71
CA THR A 338 -33.97 9.41 18.09
C THR A 338 -33.55 10.86 18.14
N ASN A 339 -32.70 11.27 17.20
CA ASN A 339 -32.21 12.63 17.18
C ASN A 339 -33.03 13.62 16.35
N ASN A 340 -34.26 13.22 16.02
CA ASN A 340 -35.19 14.08 15.27
C ASN A 340 -34.80 14.46 13.85
N LEU A 341 -33.90 13.69 13.24
CA LEU A 341 -33.49 13.96 11.86
C LEU A 341 -34.50 13.31 10.92
N LEU A 342 -35.27 12.36 11.47
CA LEU A 342 -36.35 11.67 10.76
C LEU A 342 -37.52 11.69 11.75
N GLN A 343 -38.75 11.76 11.25
CA GLN A 343 -39.93 11.79 12.11
C GLN A 343 -40.63 10.44 12.10
N GLU A 344 -40.67 9.81 10.92
CA GLU A 344 -41.27 8.51 10.72
C GLU A 344 -40.26 7.66 9.98
N PRO A 345 -40.12 6.38 10.36
CA PRO A 345 -39.16 5.51 9.69
C PRO A 345 -39.55 4.98 8.32
N VAL A 346 -38.54 4.57 7.56
CA VAL A 346 -38.72 3.98 6.25
C VAL A 346 -38.98 2.51 6.52
N ALA A 347 -39.97 1.93 5.84
CA ALA A 347 -40.27 0.50 6.01
C ALA A 347 -39.27 -0.25 5.12
N LEU A 348 -38.17 -0.69 5.72
CA LEU A 348 -37.12 -1.37 4.98
C LEU A 348 -37.55 -2.58 4.15
N ASP A 349 -38.47 -3.39 4.67
CA ASP A 349 -38.92 -4.57 3.93
C ASP A 349 -39.67 -4.19 2.65
N GLN A 350 -40.36 -3.06 2.67
CA GLN A 350 -41.12 -2.59 1.51
C GLN A 350 -40.19 -1.89 0.52
N TRP A 351 -39.20 -1.19 1.05
CA TRP A 351 -38.22 -0.46 0.24
C TRP A 351 -37.37 -1.46 -0.55
N ALA A 352 -36.96 -2.53 0.10
CA ALA A 352 -36.15 -3.56 -0.54
C ALA A 352 -36.88 -4.32 -1.65
N ALA A 353 -36.13 -4.72 -2.65
CA ALA A 353 -36.65 -5.51 -3.78
C ALA A 353 -35.70 -6.71 -3.83
N PRO A 354 -35.85 -7.64 -2.87
CA PRO A 354 -35.02 -8.85 -2.74
C PRO A 354 -35.04 -9.87 -3.87
N GLU A 355 -36.05 -9.81 -4.74
CA GLU A 355 -36.15 -10.77 -5.84
C GLU A 355 -34.92 -10.81 -6.74
N PHE A 356 -34.33 -9.66 -7.02
CA PHE A 356 -33.16 -9.57 -7.90
C PHE A 356 -31.92 -10.25 -7.33
N LEU A 357 -31.55 -9.92 -6.10
CA LEU A 357 -30.38 -10.50 -5.48
C LEU A 357 -30.61 -12.00 -5.23
N ASN A 358 -31.86 -12.35 -4.90
CA ASN A 358 -32.20 -13.75 -4.65
C ASN A 358 -31.99 -14.57 -5.92
N ASN A 359 -32.46 -14.05 -7.04
CA ASN A 359 -32.32 -14.75 -8.32
C ASN A 359 -30.84 -14.87 -8.71
N SER A 360 -30.06 -13.83 -8.46
CA SER A 360 -28.64 -13.84 -8.80
C SER A 360 -27.88 -14.92 -8.03
N LEU A 361 -28.20 -15.05 -6.74
CA LEU A 361 -27.54 -16.03 -5.89
C LEU A 361 -28.03 -17.45 -6.10
N ASN A 362 -29.10 -17.62 -6.87
CA ASN A 362 -29.65 -18.95 -7.14
C ASN A 362 -29.24 -19.47 -8.50
N ARG A 363 -28.46 -18.69 -9.24
CA ARG A 363 -28.00 -19.10 -10.56
C ARG A 363 -27.15 -20.36 -10.48
N ILE B 18 15.89 -36.18 2.91
CA ILE B 18 17.02 -35.20 2.97
C ILE B 18 18.31 -35.89 3.36
N ARG B 19 19.31 -35.79 2.49
CA ARG B 19 20.60 -36.43 2.75
C ARG B 19 21.75 -35.43 2.78
N ASP B 20 21.47 -34.18 2.42
CA ASP B 20 22.48 -33.13 2.42
C ASP B 20 21.91 -31.81 2.92
N THR B 21 22.67 -31.09 3.72
CA THR B 21 22.23 -29.82 4.27
C THR B 21 23.25 -28.72 4.00
N LEU B 22 22.78 -27.58 3.50
CA LEU B 22 23.66 -26.45 3.22
C LEU B 22 23.16 -25.24 4.01
N THR B 23 24.07 -24.36 4.40
CA THR B 23 23.65 -23.14 5.09
C THR B 23 23.40 -22.16 3.94
N TYR B 24 22.53 -21.17 4.14
CA TYR B 24 22.23 -20.24 3.05
C TYR B 24 21.64 -18.92 3.50
N SER B 25 21.44 -18.04 2.53
CA SER B 25 20.80 -16.75 2.74
C SER B 25 20.54 -16.13 1.36
N ASN B 26 19.63 -15.17 1.32
CA ASN B 26 19.36 -14.44 0.08
C ASN B 26 19.00 -13.01 0.44
N SER B 27 19.34 -12.08 -0.45
CA SER B 27 19.02 -10.66 -0.26
C SER B 27 17.56 -10.47 -0.69
N PRO B 28 17.00 -9.27 -0.48
CA PRO B 28 15.61 -9.00 -0.87
C PRO B 28 15.53 -8.78 -2.38
N VAL B 29 15.87 -9.83 -3.13
CA VAL B 29 15.88 -9.79 -4.59
C VAL B 29 15.24 -11.06 -5.17
N PRO B 30 14.76 -10.98 -6.43
CA PRO B 30 14.14 -12.17 -7.04
C PRO B 30 15.22 -13.21 -7.36
N ASN B 31 15.02 -14.45 -6.91
CA ASN B 31 16.03 -15.48 -7.15
C ASN B 31 15.50 -16.91 -7.11
N ALA B 32 16.13 -17.79 -7.89
CA ALA B 32 15.72 -19.19 -7.98
C ALA B 32 16.14 -20.06 -6.78
N LEU B 33 17.08 -19.61 -5.96
CA LEU B 33 17.48 -20.41 -4.80
C LEU B 33 16.31 -20.47 -3.82
N LEU B 34 15.76 -19.32 -3.49
CA LEU B 34 14.62 -19.24 -2.58
C LEU B 34 13.42 -19.95 -3.21
N THR B 35 13.22 -19.73 -4.50
CA THR B 35 12.10 -20.34 -5.21
C THR B 35 12.18 -21.87 -5.15
N ALA B 36 13.35 -22.42 -5.44
CA ALA B 36 13.54 -23.88 -5.42
C ALA B 36 13.34 -24.45 -4.02
N SER B 37 13.77 -23.70 -3.01
CA SER B 37 13.65 -24.14 -1.62
C SER B 37 12.20 -24.19 -1.14
N GLU B 38 11.50 -23.07 -1.28
CA GLU B 38 10.12 -22.97 -0.83
C GLU B 38 9.10 -23.75 -1.64
N SER B 39 9.42 -24.07 -2.90
CA SER B 39 8.49 -24.80 -3.75
C SER B 39 8.71 -26.31 -3.75
N GLY B 40 9.73 -26.78 -3.04
CA GLY B 40 9.98 -28.20 -2.95
C GLY B 40 10.93 -28.86 -3.94
N PHE B 41 11.53 -28.08 -4.84
CA PHE B 41 12.47 -28.66 -5.81
C PHE B 41 13.75 -29.16 -5.15
N LEU B 42 14.20 -28.48 -4.10
CA LEU B 42 15.40 -28.92 -3.41
C LEU B 42 15.11 -30.17 -2.59
N ASP B 43 13.91 -30.24 -2.02
CA ASP B 43 13.51 -31.40 -1.22
C ASP B 43 13.53 -32.64 -2.12
N ALA B 44 13.05 -32.48 -3.36
CA ALA B 44 13.02 -33.59 -4.30
C ALA B 44 14.42 -34.01 -4.71
N ALA B 45 15.38 -33.09 -4.54
CA ALA B 45 16.78 -33.36 -4.88
C ALA B 45 17.55 -33.83 -3.65
N GLY B 46 16.85 -34.01 -2.53
CA GLY B 46 17.48 -34.46 -1.30
C GLY B 46 18.34 -33.41 -0.62
N ILE B 47 18.01 -32.15 -0.81
CA ILE B 47 18.76 -31.04 -0.23
C ILE B 47 17.89 -30.14 0.65
N GLU B 48 18.40 -29.81 1.83
CA GLU B 48 17.69 -28.90 2.74
C GLU B 48 18.59 -27.71 3.02
N LEU B 49 18.00 -26.52 3.14
CA LEU B 49 18.77 -25.31 3.41
C LEU B 49 18.48 -24.73 4.80
N ASP B 50 19.54 -24.44 5.55
CA ASP B 50 19.42 -23.84 6.88
C ASP B 50 19.83 -22.37 6.77
N VAL B 51 18.88 -21.46 6.94
CA VAL B 51 19.19 -20.03 6.84
C VAL B 51 20.11 -19.57 7.97
N LEU B 52 20.99 -18.61 7.66
CA LEU B 52 21.91 -18.07 8.65
C LEU B 52 21.17 -17.38 9.78
N SER B 53 21.59 -17.67 11.01
CA SER B 53 20.98 -17.03 12.18
C SER B 53 21.62 -15.65 12.29
N GLY B 54 21.08 -14.80 13.14
CA GLY B 54 21.66 -13.48 13.29
C GLY B 54 23.07 -13.61 13.85
N GLN B 55 23.28 -14.62 14.69
CA GLN B 55 24.57 -14.87 15.31
C GLN B 55 25.67 -15.27 14.31
N GLN B 56 25.28 -15.82 13.17
CA GLN B 56 26.24 -16.21 12.14
C GLN B 56 26.02 -15.35 10.90
N GLY B 57 25.29 -14.25 11.09
CA GLY B 57 24.95 -13.36 9.99
C GLY B 57 26.06 -12.73 9.18
N THR B 58 27.23 -12.53 9.78
CA THR B 58 28.32 -11.90 9.04
C THR B 58 28.79 -12.74 7.86
N VAL B 59 28.44 -14.03 7.85
CA VAL B 59 28.83 -14.92 6.75
C VAL B 59 28.19 -14.43 5.43
N HIS B 60 27.10 -13.69 5.56
CA HIS B 60 26.39 -13.13 4.40
C HIS B 60 27.34 -12.20 3.63
N PHE B 61 28.33 -11.65 4.34
CA PHE B 61 29.33 -10.74 3.75
C PHE B 61 30.74 -11.36 3.65
N THR B 62 31.04 -12.37 4.48
CA THR B 62 32.39 -12.97 4.49
C THR B 62 32.55 -14.34 3.82
N TYR B 63 31.46 -15.08 3.67
CA TYR B 63 31.49 -16.39 3.02
C TYR B 63 32.39 -17.42 3.71
N ASP B 64 32.69 -17.19 4.99
CA ASP B 64 33.57 -18.06 5.75
C ASP B 64 32.88 -19.28 6.40
N GLN B 65 32.40 -20.18 5.55
CA GLN B 65 31.76 -21.44 5.96
C GLN B 65 32.05 -22.45 4.84
N PRO B 66 32.11 -23.75 5.17
CA PRO B 66 32.39 -24.82 4.22
C PRO B 66 31.32 -25.30 3.24
N ALA B 67 30.05 -25.11 3.57
CA ALA B 67 28.96 -25.56 2.70
C ALA B 67 27.86 -24.50 2.70
N TYR B 68 28.24 -23.29 2.30
CA TYR B 68 27.34 -22.15 2.28
C TYR B 68 27.03 -21.67 0.86
N THR B 69 25.77 -21.31 0.61
CA THR B 69 25.36 -20.80 -0.71
C THR B 69 24.47 -19.56 -0.51
N ARG B 70 24.72 -18.52 -1.31
CA ARG B 70 23.96 -17.27 -1.21
C ARG B 70 23.56 -16.75 -2.57
N PHE B 71 22.36 -16.16 -2.65
CA PHE B 71 21.90 -15.55 -3.89
C PHE B 71 21.45 -14.15 -3.47
N GLY B 72 22.25 -13.14 -3.82
CA GLY B 72 21.90 -11.78 -3.43
C GLY B 72 22.69 -10.68 -4.13
N GLY B 73 22.70 -9.49 -3.53
CA GLY B 73 23.41 -8.35 -4.09
C GLY B 73 24.86 -8.66 -4.36
N GLU B 74 25.41 -8.10 -5.44
CA GLU B 74 26.79 -8.38 -5.85
C GLU B 74 27.92 -7.63 -5.13
N ILE B 75 27.62 -6.56 -4.41
CA ILE B 75 28.70 -5.81 -3.77
C ILE B 75 29.46 -6.59 -2.68
N PRO B 76 28.75 -7.27 -1.76
CA PRO B 76 29.50 -8.01 -0.73
C PRO B 76 30.44 -9.10 -1.28
N PRO B 77 29.97 -9.95 -2.20
CA PRO B 77 30.89 -10.98 -2.72
C PRO B 77 32.03 -10.41 -3.57
N LEU B 78 31.79 -9.30 -4.26
CA LEU B 78 32.86 -8.70 -5.06
C LEU B 78 33.96 -8.18 -4.12
N LEU B 79 33.58 -7.61 -2.98
CA LEU B 79 34.58 -7.12 -2.03
C LEU B 79 35.28 -8.28 -1.32
N SER B 80 34.56 -9.35 -1.01
CA SER B 80 35.20 -10.49 -0.35
C SER B 80 36.23 -11.12 -1.28
N GLU B 81 35.85 -11.35 -2.53
CA GLU B 81 36.76 -11.97 -3.51
C GLU B 81 37.86 -11.04 -4.03
N GLY B 82 37.52 -9.77 -4.21
CA GLY B 82 38.50 -8.84 -4.75
C GLY B 82 39.33 -8.03 -3.78
N LEU B 83 38.93 -7.97 -2.52
CA LEU B 83 39.66 -7.19 -1.53
C LEU B 83 40.16 -7.92 -0.28
N ARG B 84 39.36 -8.83 0.26
CA ARG B 84 39.73 -9.51 1.50
C ARG B 84 40.15 -10.97 1.53
N ALA B 85 39.39 -11.83 0.85
CA ALA B 85 39.68 -13.26 0.89
C ALA B 85 39.42 -13.97 -0.42
N PRO B 86 40.31 -13.78 -1.41
CA PRO B 86 40.17 -14.41 -2.71
C PRO B 86 40.14 -15.93 -2.61
N GLY B 87 39.21 -16.56 -3.32
CA GLY B 87 39.13 -18.01 -3.32
C GLY B 87 38.04 -18.73 -2.54
N ARG B 88 37.36 -18.03 -1.63
CA ARG B 88 36.31 -18.66 -0.84
C ARG B 88 35.10 -19.15 -1.61
N THR B 89 34.76 -18.47 -2.70
CA THR B 89 33.56 -18.82 -3.46
C THR B 89 33.72 -18.97 -4.97
N ARG B 90 32.70 -19.59 -5.58
CA ARG B 90 32.62 -19.73 -7.03
C ARG B 90 31.24 -19.18 -7.43
N LEU B 91 31.17 -18.57 -8.61
CA LEU B 91 29.93 -17.99 -9.12
C LEU B 91 29.15 -19.00 -9.99
N LEU B 92 27.94 -19.33 -9.57
CA LEU B 92 27.10 -20.30 -10.29
C LEU B 92 26.14 -19.70 -11.32
N GLY B 93 25.71 -18.47 -11.08
CA GLY B 93 24.77 -17.83 -11.99
C GLY B 93 24.41 -16.41 -11.58
N ILE B 94 23.72 -15.72 -12.49
CA ILE B 94 23.32 -14.33 -12.30
C ILE B 94 21.84 -14.11 -12.65
N THR B 95 21.17 -13.22 -11.91
CA THR B 95 19.78 -12.85 -12.19
C THR B 95 19.68 -11.33 -12.04
N PRO B 96 19.45 -10.63 -13.15
CA PRO B 96 19.33 -9.16 -13.10
C PRO B 96 18.20 -8.69 -12.18
N LEU B 97 18.38 -7.48 -11.65
CA LEU B 97 17.41 -6.85 -10.77
C LEU B 97 17.09 -5.45 -11.27
N LEU B 98 15.80 -5.16 -11.49
CA LEU B 98 15.37 -3.83 -11.91
C LEU B 98 13.87 -3.68 -11.65
N GLY B 99 13.50 -2.63 -10.90
CA GLY B 99 12.10 -2.38 -10.59
C GLY B 99 11.92 -0.97 -10.06
N ARG B 100 10.81 -0.71 -9.37
CA ARG B 100 10.56 0.63 -8.82
C ARG B 100 11.79 1.08 -8.03
N GLN B 101 12.31 2.25 -8.38
CA GLN B 101 13.53 2.76 -7.75
C GLN B 101 13.67 4.27 -7.92
N GLY B 102 14.15 4.96 -6.90
CA GLY B 102 14.34 6.39 -7.02
C GLY B 102 14.27 7.19 -5.73
N PHE B 103 14.37 8.51 -5.86
CA PHE B 103 14.26 9.36 -4.69
C PHE B 103 12.82 9.79 -4.56
N PHE B 104 12.19 9.36 -3.47
CA PHE B 104 10.79 9.64 -3.19
C PHE B 104 10.55 10.90 -2.37
N VAL B 105 9.42 11.54 -2.65
CA VAL B 105 9.00 12.76 -1.95
C VAL B 105 7.54 12.54 -1.55
N ARG B 106 7.05 13.35 -0.62
CA ARG B 106 5.67 13.23 -0.19
C ARG B 106 4.77 13.67 -1.32
N ASP B 107 3.53 13.19 -1.33
CA ASP B 107 2.60 13.55 -2.39
C ASP B 107 2.32 15.04 -2.44
N ASP B 108 2.32 15.68 -1.28
CA ASP B 108 2.04 17.12 -1.19
C ASP B 108 3.28 18.00 -1.43
N SER B 109 4.39 17.36 -1.79
CA SER B 109 5.62 18.10 -2.04
C SER B 109 5.56 18.91 -3.33
N PRO B 110 6.13 20.13 -3.32
CA PRO B 110 6.12 20.99 -4.50
C PRO B 110 7.09 20.46 -5.56
N ILE B 111 7.85 19.44 -5.19
CA ILE B 111 8.82 18.82 -6.10
C ILE B 111 8.09 17.85 -7.02
N THR B 112 8.10 18.15 -8.33
CA THR B 112 7.44 17.30 -9.30
C THR B 112 8.38 16.92 -10.46
N ALA B 113 9.53 17.58 -10.52
CA ALA B 113 10.51 17.29 -11.56
C ALA B 113 11.91 17.28 -10.95
N ALA B 114 12.83 16.58 -11.59
CA ALA B 114 14.20 16.49 -11.09
C ALA B 114 14.82 17.87 -10.84
N ALA B 115 14.52 18.82 -11.72
CA ALA B 115 15.05 20.18 -11.60
C ALA B 115 14.62 20.86 -10.29
N ASP B 116 13.49 20.42 -9.73
CA ASP B 116 12.98 21.00 -8.49
C ASP B 116 13.78 20.59 -7.26
N LEU B 117 14.75 19.71 -7.42
CA LEU B 117 15.56 19.28 -6.28
C LEU B 117 16.59 20.33 -5.89
N ALA B 118 16.78 21.33 -6.75
CA ALA B 118 17.75 22.39 -6.47
C ALA B 118 17.45 23.09 -5.14
N GLY B 119 18.47 23.18 -4.29
CA GLY B 119 18.33 23.82 -3.00
C GLY B 119 17.57 23.02 -1.95
N ARG B 120 17.22 21.78 -2.28
CA ARG B 120 16.47 20.91 -1.37
C ARG B 120 17.38 20.01 -0.53
N ARG B 121 16.82 19.45 0.53
CA ARG B 121 17.55 18.55 1.42
C ARG B 121 17.30 17.10 1.04
N ILE B 122 18.37 16.41 0.66
CA ILE B 122 18.30 15.01 0.26
C ILE B 122 18.83 14.12 1.37
N GLY B 123 17.97 13.23 1.87
CA GLY B 123 18.42 12.33 2.93
C GLY B 123 19.15 11.14 2.33
N VAL B 124 20.37 10.89 2.81
CA VAL B 124 21.18 9.77 2.34
C VAL B 124 22.03 9.22 3.48
N SER B 125 22.41 7.94 3.38
CA SER B 125 23.23 7.33 4.41
C SER B 125 24.61 7.98 4.49
N ALA B 126 25.24 7.87 5.67
CA ALA B 126 26.57 8.42 5.83
C ALA B 126 27.51 7.73 4.84
N SER B 127 27.21 6.47 4.55
CA SER B 127 28.01 5.70 3.59
C SER B 127 27.94 6.35 2.22
N ALA B 128 26.73 6.65 1.76
CA ALA B 128 26.55 7.29 0.45
C ALA B 128 27.23 8.65 0.41
N ILE B 129 27.20 9.39 1.52
CA ILE B 129 27.83 10.69 1.56
C ILE B 129 29.34 10.57 1.37
N ARG B 130 29.97 9.54 1.95
CA ARG B 130 31.41 9.36 1.76
C ARG B 130 31.73 9.20 0.27
N ILE B 131 30.93 8.40 -0.41
CA ILE B 131 31.14 8.14 -1.84
C ILE B 131 30.86 9.37 -2.69
N LEU B 132 29.74 10.05 -2.45
CA LEU B 132 29.41 11.25 -3.19
C LEU B 132 30.44 12.36 -3.00
N ARG B 133 30.98 12.49 -1.80
CA ARG B 133 31.98 13.53 -1.55
C ARG B 133 33.39 13.10 -1.92
N GLY B 134 33.57 11.82 -2.20
CA GLY B 134 34.89 11.32 -2.55
C GLY B 134 35.87 11.32 -1.39
N GLN B 135 35.35 11.11 -0.18
CA GLN B 135 36.17 11.07 1.03
C GLN B 135 35.78 9.81 1.81
N LEU B 136 36.50 8.72 1.55
CA LEU B 136 36.20 7.45 2.19
C LEU B 136 36.66 7.29 3.64
N GLY B 137 37.44 8.26 4.14
CA GLY B 137 37.89 8.19 5.52
C GLY B 137 38.59 6.90 5.91
N ASP B 138 38.14 6.27 7.01
CA ASP B 138 38.76 5.04 7.49
C ASP B 138 38.35 3.74 6.81
N TYR B 139 37.73 3.86 5.64
CA TYR B 139 37.26 2.69 4.87
C TYR B 139 38.18 1.46 4.88
N LEU B 140 39.44 1.66 4.51
CA LEU B 140 40.40 0.55 4.45
C LEU B 140 40.76 -0.08 5.79
N GLU B 141 40.49 0.61 6.89
CA GLU B 141 40.82 0.10 8.21
C GLU B 141 39.68 -0.64 8.90
N LEU B 142 38.48 -0.54 8.35
CA LEU B 142 37.31 -1.19 8.92
C LEU B 142 37.29 -2.71 8.80
N ASP B 143 36.55 -3.34 9.71
CA ASP B 143 36.38 -4.80 9.70
C ASP B 143 35.47 -5.10 8.52
N PRO B 144 35.44 -6.35 8.05
CA PRO B 144 34.60 -6.75 6.92
C PRO B 144 33.15 -6.26 6.91
N TRP B 145 32.43 -6.46 8.01
CA TRP B 145 31.03 -6.04 8.07
C TRP B 145 30.85 -4.54 7.86
N ARG B 146 31.49 -3.73 8.68
CA ARG B 146 31.35 -2.28 8.54
C ARG B 146 31.93 -1.76 7.23
N GLN B 147 32.98 -2.40 6.73
CA GLN B 147 33.60 -1.97 5.47
C GLN B 147 32.61 -2.15 4.33
N THR B 148 32.01 -3.32 4.23
CA THR B 148 31.05 -3.58 3.17
C THR B 148 29.85 -2.63 3.27
N LEU B 149 29.44 -2.29 4.48
CA LEU B 149 28.31 -1.37 4.66
C LEU B 149 28.61 0.01 4.03
N VAL B 150 29.87 0.41 4.02
CA VAL B 150 30.23 1.69 3.40
C VAL B 150 30.00 1.56 1.90
N ALA B 151 30.47 0.45 1.32
CA ALA B 151 30.31 0.22 -0.12
C ALA B 151 28.85 0.13 -0.55
N LEU B 152 27.96 -0.29 0.36
CA LEU B 152 26.55 -0.38 0.00
C LEU B 152 25.92 1.00 -0.19
N GLY B 153 26.67 2.04 0.14
CA GLY B 153 26.19 3.39 -0.07
C GLY B 153 26.14 3.68 -1.57
N SER B 154 26.70 2.76 -2.36
CA SER B 154 26.72 2.92 -3.82
C SER B 154 25.34 3.03 -4.47
N TRP B 155 24.35 2.31 -3.92
CA TRP B 155 23.00 2.36 -4.50
C TRP B 155 22.47 3.79 -4.51
N GLU B 156 22.54 4.46 -3.36
CA GLU B 156 22.07 5.84 -3.23
C GLU B 156 22.92 6.78 -4.06
N ALA B 157 24.25 6.59 -4.02
CA ALA B 157 25.14 7.47 -4.77
C ALA B 157 24.88 7.46 -6.27
N ARG B 158 24.84 6.28 -6.88
CA ARG B 158 24.61 6.22 -8.32
C ARG B 158 23.20 6.72 -8.66
N ALA B 159 22.23 6.37 -7.83
CA ALA B 159 20.85 6.80 -8.07
C ALA B 159 20.72 8.31 -8.02
N LEU B 160 21.41 8.95 -7.08
CA LEU B 160 21.32 10.41 -6.98
C LEU B 160 22.00 11.08 -8.17
N LEU B 161 23.17 10.56 -8.56
CA LEU B 161 23.88 11.13 -9.70
C LEU B 161 23.02 11.06 -10.96
N HIS B 162 22.37 9.92 -11.18
CA HIS B 162 21.52 9.75 -12.36
C HIS B 162 20.28 10.64 -12.30
N THR B 163 19.72 10.80 -11.10
CA THR B 163 18.53 11.63 -10.92
C THR B 163 18.87 13.11 -11.17
N LEU B 164 20.01 13.55 -10.65
CA LEU B 164 20.42 14.94 -10.84
C LEU B 164 20.69 15.25 -12.32
N GLU B 165 21.21 14.28 -13.05
CA GLU B 165 21.49 14.49 -14.47
C GLU B 165 20.19 14.85 -15.21
N HIS B 166 19.10 14.23 -14.80
CA HIS B 166 17.79 14.48 -15.40
C HIS B 166 17.36 15.93 -15.24
N GLY B 167 17.74 16.53 -14.13
CA GLY B 167 17.37 17.91 -13.89
C GLY B 167 18.47 18.90 -14.21
N GLU B 168 19.52 18.42 -14.89
CA GLU B 168 20.64 19.27 -15.26
C GLU B 168 21.23 19.91 -14.01
N LEU B 169 21.35 19.12 -12.95
CA LEU B 169 21.90 19.60 -11.69
C LEU B 169 23.17 18.85 -11.28
N GLY B 170 23.89 19.44 -10.33
CA GLY B 170 25.11 18.82 -9.81
C GLY B 170 24.92 18.58 -8.32
N VAL B 171 25.85 17.85 -7.70
CA VAL B 171 25.75 17.58 -6.27
C VAL B 171 25.82 18.89 -5.48
N ASP B 172 26.46 19.90 -6.06
CA ASP B 172 26.58 21.20 -5.40
C ASP B 172 25.27 21.97 -5.38
N ASP B 173 24.25 21.44 -6.07
CA ASP B 173 22.94 22.09 -6.12
C ASP B 173 21.98 21.59 -5.04
N VAL B 174 22.41 20.60 -4.25
CA VAL B 174 21.55 20.07 -3.20
C VAL B 174 22.31 20.00 -1.87
N GLU B 175 21.56 19.74 -0.80
CA GLU B 175 22.14 19.63 0.53
C GLU B 175 21.96 18.20 1.02
N LEU B 176 23.06 17.51 1.29
CA LEU B 176 23.02 16.13 1.75
C LEU B 176 22.85 16.05 3.27
N VAL B 177 21.85 15.30 3.71
CA VAL B 177 21.56 15.14 5.14
C VAL B 177 21.61 13.66 5.54
N PRO B 178 22.45 13.32 6.53
CA PRO B 178 22.58 11.92 6.98
C PRO B 178 21.30 11.35 7.60
N ILE B 179 20.88 10.19 7.10
CA ILE B 179 19.70 9.49 7.61
C ILE B 179 20.00 7.99 7.61
N SER B 180 19.11 7.20 8.18
CA SER B 180 19.26 5.76 8.20
C SER B 180 18.64 5.19 6.92
N SER B 181 19.38 4.35 6.20
CA SER B 181 18.88 3.73 4.98
C SER B 181 18.90 2.21 5.16
N PRO B 182 17.80 1.52 4.81
CA PRO B 182 17.73 0.07 4.98
C PRO B 182 18.79 -0.72 4.21
N GLY B 183 19.44 -1.65 4.91
CA GLY B 183 20.47 -2.45 4.28
C GLY B 183 21.85 -1.80 4.37
N VAL B 184 21.89 -0.48 4.52
CA VAL B 184 23.17 0.23 4.62
C VAL B 184 23.50 0.43 6.09
N ASP B 185 22.51 0.82 6.87
CA ASP B 185 22.70 1.05 8.29
C ASP B 185 22.20 -0.19 9.05
N VAL B 186 23.12 -1.13 9.29
CA VAL B 186 22.81 -2.37 10.00
C VAL B 186 23.85 -2.63 11.08
N PRO B 187 23.65 -2.04 12.27
CA PRO B 187 24.56 -2.21 13.41
C PRO B 187 24.75 -3.69 13.74
N ALA B 188 25.96 -4.05 14.17
CA ALA B 188 26.25 -5.44 14.53
C ALA B 188 25.25 -5.95 15.55
N GLU B 189 24.80 -5.04 16.42
CA GLU B 189 23.83 -5.38 17.46
C GLU B 189 22.51 -5.84 16.86
N GLN B 190 22.02 -5.07 15.89
CA GLN B 190 20.76 -5.38 15.22
C GLN B 190 20.85 -6.73 14.53
N LEU B 191 21.98 -6.99 13.87
CA LEU B 191 22.20 -8.25 13.18
C LEU B 191 22.16 -9.41 14.17
N GLU B 192 22.93 -9.27 15.25
CA GLU B 192 23.01 -10.28 16.30
C GLU B 192 21.69 -10.57 16.98
N GLU B 193 20.83 -9.55 17.08
CA GLU B 193 19.53 -9.70 17.75
C GLU B 193 18.46 -10.31 16.84
N SER B 194 18.70 -10.29 15.54
CA SER B 194 17.72 -10.84 14.59
C SER B 194 17.74 -12.37 14.62
N ALA B 195 16.57 -12.98 14.52
CA ALA B 195 16.48 -14.44 14.53
C ALA B 195 17.26 -15.03 13.36
N THR B 196 17.08 -14.45 12.17
CA THR B 196 17.76 -14.91 10.96
C THR B 196 18.07 -13.72 10.07
N VAL B 197 18.71 -13.97 8.93
CA VAL B 197 19.01 -12.90 7.99
C VAL B 197 17.92 -12.74 6.93
N LYS B 198 16.78 -13.39 7.13
CA LYS B 198 15.66 -13.25 6.20
C LYS B 198 15.18 -11.80 6.28
N GLY B 199 14.75 -11.25 5.15
CA GLY B 199 14.28 -9.88 5.16
C GLY B 199 13.16 -9.62 6.16
N ALA B 200 12.29 -10.61 6.36
CA ALA B 200 11.18 -10.46 7.29
C ALA B 200 11.67 -10.24 8.72
N ASP B 201 12.83 -10.77 9.05
CA ASP B 201 13.38 -10.63 10.40
C ASP B 201 14.36 -9.46 10.53
N LEU B 202 15.22 -9.30 9.53
CA LEU B 202 16.24 -8.26 9.54
C LEU B 202 15.77 -6.86 9.11
N PHE B 203 14.81 -6.83 8.18
CA PHE B 203 14.30 -5.55 7.67
C PHE B 203 12.78 -5.44 7.78
N PRO B 204 12.23 -5.49 9.00
CA PRO B 204 10.78 -5.39 9.13
C PRO B 204 10.21 -3.98 8.94
N ASP B 205 9.04 -3.90 8.31
CA ASP B 205 8.32 -2.64 8.10
C ASP B 205 9.19 -1.48 7.62
N VAL B 206 9.98 -1.69 6.58
CA VAL B 206 10.86 -0.64 6.07
C VAL B 206 10.13 0.63 5.59
N ALA B 207 9.13 0.46 4.74
CA ALA B 207 8.39 1.62 4.21
C ALA B 207 7.73 2.47 5.29
N ARG B 208 7.27 1.85 6.36
CA ARG B 208 6.63 2.60 7.44
C ARG B 208 7.64 3.59 8.02
N GLY B 209 8.88 3.15 8.15
CA GLY B 209 9.92 4.00 8.68
C GLY B 209 10.30 5.11 7.70
N GLN B 210 10.36 4.77 6.42
CA GLN B 210 10.71 5.77 5.41
C GLN B 210 9.61 6.81 5.28
N ALA B 211 8.35 6.38 5.38
CA ALA B 211 7.23 7.31 5.30
C ALA B 211 7.27 8.27 6.48
N ALA B 212 7.64 7.76 7.65
CA ALA B 212 7.73 8.60 8.84
C ALA B 212 8.80 9.67 8.69
N VAL B 213 9.91 9.32 8.05
CA VAL B 213 10.98 10.29 7.85
C VAL B 213 10.48 11.42 6.94
N LEU B 214 9.81 11.05 5.85
CA LEU B 214 9.27 12.07 4.96
C LEU B 214 8.21 12.91 5.66
N ALA B 215 7.39 12.28 6.48
CA ALA B 215 6.33 12.99 7.20
C ALA B 215 6.89 14.02 8.19
N SER B 216 8.09 13.76 8.71
CA SER B 216 8.72 14.65 9.67
C SER B 216 9.16 15.96 9.02
N GLY B 217 9.42 15.91 7.72
CA GLY B 217 9.87 17.08 6.99
C GLY B 217 11.35 17.37 7.18
N ASP B 218 12.03 16.50 7.93
CA ASP B 218 13.46 16.68 8.20
C ASP B 218 14.28 16.69 6.92
N VAL B 219 13.80 15.96 5.90
CA VAL B 219 14.46 15.93 4.60
C VAL B 219 13.34 15.99 3.56
N ASP B 220 13.67 16.40 2.33
CA ASP B 220 12.67 16.52 1.28
C ASP B 220 12.52 15.27 0.42
N ALA B 221 13.56 14.45 0.38
CA ALA B 221 13.53 13.23 -0.41
C ALA B 221 14.49 12.19 0.13
N LEU B 222 14.23 10.92 -0.17
CA LEU B 222 15.10 9.83 0.25
C LEU B 222 15.00 8.67 -0.76
N TYR B 223 16.03 7.83 -0.80
CA TYR B 223 16.08 6.70 -1.74
C TYR B 223 15.35 5.44 -1.28
N SER B 224 14.56 4.87 -2.18
CA SER B 224 13.87 3.61 -1.88
C SER B 224 13.83 2.77 -3.15
N TRP B 225 13.81 1.44 -2.96
CA TRP B 225 13.78 0.50 -4.06
C TRP B 225 13.34 -0.87 -3.52
N LEU B 226 13.35 -1.89 -4.38
CA LEU B 226 12.93 -3.24 -3.98
C LEU B 226 11.45 -3.17 -3.56
N PRO B 227 10.91 -4.23 -2.93
CA PRO B 227 9.50 -4.13 -2.53
C PRO B 227 9.22 -3.00 -1.53
N TRP B 228 10.29 -2.53 -0.88
CA TRP B 228 10.16 -1.44 0.07
C TRP B 228 9.59 -0.21 -0.63
N ALA B 229 10.05 0.03 -1.85
CA ALA B 229 9.58 1.17 -2.64
C ALA B 229 8.10 0.98 -2.97
N GLY B 230 7.70 -0.28 -3.17
CA GLY B 230 6.32 -0.58 -3.48
C GLY B 230 5.43 -0.18 -2.33
N GLU B 231 5.83 -0.53 -1.11
CA GLU B 231 5.03 -0.18 0.06
C GLU B 231 5.12 1.31 0.35
N LEU B 232 6.24 1.94 0.03
CA LEU B 232 6.37 3.38 0.26
C LEU B 232 5.41 4.14 -0.66
N GLN B 233 5.34 3.70 -1.91
CA GLN B 233 4.44 4.33 -2.88
C GLN B 233 2.99 4.15 -2.43
N ALA B 234 2.70 3.05 -1.76
CA ALA B 234 1.35 2.78 -1.27
C ALA B 234 0.93 3.75 -0.16
N THR B 235 1.88 4.47 0.42
CA THR B 235 1.55 5.43 1.48
C THR B 235 1.23 6.79 0.85
N GLY B 236 1.47 6.92 -0.45
CA GLY B 236 1.21 8.17 -1.14
C GLY B 236 2.46 8.85 -1.67
N ALA B 237 3.63 8.37 -1.26
CA ALA B 237 4.88 8.96 -1.74
C ALA B 237 5.10 8.63 -3.21
N ARG B 238 5.92 9.44 -3.89
CA ARG B 238 6.19 9.23 -5.31
C ARG B 238 7.63 9.56 -5.68
N PRO B 239 8.19 8.84 -6.68
CA PRO B 239 9.57 9.09 -7.11
C PRO B 239 9.67 10.28 -8.05
N VAL B 240 10.67 11.14 -7.84
CA VAL B 240 10.84 12.31 -8.70
C VAL B 240 11.13 11.81 -10.11
N VAL B 241 11.90 10.74 -10.20
CA VAL B 241 12.26 10.09 -11.46
C VAL B 241 12.30 8.59 -11.15
N ASP B 242 11.51 7.80 -11.88
CA ASP B 242 11.50 6.36 -11.64
C ASP B 242 12.65 5.74 -12.43
N LEU B 243 13.74 5.48 -11.73
CA LEU B 243 14.94 4.90 -12.32
C LEU B 243 14.69 3.49 -12.84
N GLY B 244 13.61 2.87 -12.39
CA GLY B 244 13.28 1.53 -12.84
C GLY B 244 12.96 1.47 -14.33
N LEU B 245 12.75 2.64 -14.92
CA LEU B 245 12.43 2.73 -16.35
C LEU B 245 13.67 2.74 -17.25
N ASP B 246 14.86 2.73 -16.66
CA ASP B 246 16.10 2.76 -17.44
C ASP B 246 17.07 1.67 -16.98
N GLU B 247 17.49 0.83 -17.92
CA GLU B 247 18.41 -0.28 -17.64
C GLU B 247 19.72 0.10 -16.98
N ARG B 248 20.14 1.36 -17.09
CA ARG B 248 21.41 1.74 -16.47
C ARG B 248 21.35 1.72 -14.96
N ASN B 249 20.16 1.46 -14.41
CA ASN B 249 19.99 1.40 -12.97
C ASN B 249 19.82 -0.03 -12.47
N ALA B 250 20.05 -0.99 -13.35
CA ALA B 250 19.93 -2.40 -12.99
C ALA B 250 21.19 -2.89 -12.29
N TYR B 251 21.03 -3.96 -11.52
CA TYR B 251 22.13 -4.62 -10.81
C TYR B 251 22.09 -6.10 -11.16
N ALA B 252 23.18 -6.81 -10.87
CA ALA B 252 23.29 -8.23 -11.15
C ALA B 252 23.36 -9.07 -9.87
N SER B 253 22.25 -9.66 -9.47
CA SER B 253 22.26 -10.51 -8.27
C SER B 253 23.09 -11.75 -8.62
N VAL B 254 23.93 -12.18 -7.68
CA VAL B 254 24.79 -13.33 -7.92
C VAL B 254 24.57 -14.51 -6.98
N TRP B 255 24.73 -15.70 -7.53
CA TRP B 255 24.57 -16.94 -6.79
C TRP B 255 25.96 -17.54 -6.58
N THR B 256 26.39 -17.62 -5.33
CA THR B 256 27.71 -18.17 -5.01
C THR B 256 27.60 -19.42 -4.16
N VAL B 257 28.68 -20.20 -4.11
CA VAL B 257 28.75 -21.42 -3.30
C VAL B 257 30.20 -21.62 -2.85
N SER B 258 30.39 -22.27 -1.71
CA SER B 258 31.74 -22.51 -1.20
C SER B 258 32.56 -23.25 -2.26
N SER B 259 33.77 -22.75 -2.52
CA SER B 259 34.64 -23.34 -3.53
C SER B 259 34.96 -24.81 -3.31
N GLY B 260 35.10 -25.21 -2.05
CA GLY B 260 35.38 -26.60 -1.75
C GLY B 260 34.30 -27.55 -2.23
N LEU B 261 33.04 -27.11 -2.23
CA LEU B 261 31.96 -27.96 -2.70
C LEU B 261 32.08 -28.21 -4.21
N VAL B 262 32.50 -27.21 -4.96
CA VAL B 262 32.65 -27.36 -6.40
C VAL B 262 33.67 -28.44 -6.76
N ARG B 263 34.82 -28.44 -6.07
CA ARG B 263 35.86 -29.44 -6.36
C ARG B 263 35.61 -30.81 -5.71
N GLN B 264 35.14 -30.79 -4.46
CA GLN B 264 34.94 -32.02 -3.71
C GLN B 264 33.60 -32.73 -3.88
N ARG B 265 32.52 -31.97 -4.05
CA ARG B 265 31.20 -32.56 -4.22
C ARG B 265 30.46 -32.00 -5.42
N PRO B 266 31.00 -32.21 -6.63
CA PRO B 266 30.38 -31.72 -7.86
C PRO B 266 28.99 -32.30 -8.15
N GLY B 267 28.72 -33.49 -7.61
CA GLY B 267 27.41 -34.09 -7.83
C GLY B 267 26.36 -33.33 -7.04
N LEU B 268 26.73 -32.86 -5.85
CA LEU B 268 25.81 -32.11 -5.00
C LEU B 268 25.55 -30.73 -5.63
N VAL B 269 26.60 -30.09 -6.13
CA VAL B 269 26.44 -28.79 -6.76
C VAL B 269 25.58 -28.93 -8.02
N GLN B 270 25.72 -30.04 -8.76
CA GLN B 270 24.91 -30.23 -9.95
C GLN B 270 23.44 -30.41 -9.57
N ARG B 271 23.18 -31.16 -8.51
CA ARG B 271 21.81 -31.36 -8.03
C ARG B 271 21.20 -30.02 -7.63
N LEU B 272 22.02 -29.19 -6.97
CA LEU B 272 21.59 -27.86 -6.52
C LEU B 272 21.23 -26.96 -7.69
N VAL B 273 22.10 -26.89 -8.69
CA VAL B 273 21.85 -26.05 -9.85
C VAL B 273 20.68 -26.56 -10.70
N ASP B 274 20.59 -27.88 -10.87
CA ASP B 274 19.49 -28.45 -11.65
C ASP B 274 18.15 -28.12 -11.00
N ALA B 275 18.10 -28.17 -9.67
CA ALA B 275 16.87 -27.86 -8.96
C ALA B 275 16.46 -26.40 -9.16
N ALA B 276 17.46 -25.51 -9.14
CA ALA B 276 17.17 -24.08 -9.32
C ALA B 276 16.71 -23.79 -10.75
N VAL B 277 17.32 -24.46 -11.73
CA VAL B 277 16.93 -24.27 -13.11
C VAL B 277 15.51 -24.79 -13.31
N ASP B 278 15.22 -25.96 -12.75
CA ASP B 278 13.88 -26.53 -12.86
C ASP B 278 12.85 -25.63 -12.19
N ALA B 279 13.22 -25.03 -11.05
CA ALA B 279 12.31 -24.13 -10.34
C ALA B 279 12.08 -22.88 -11.18
N GLY B 280 13.13 -22.41 -11.85
CA GLY B 280 13.01 -21.22 -12.68
C GLY B 280 12.06 -21.43 -13.85
N LEU B 281 12.07 -22.62 -14.43
CA LEU B 281 11.19 -22.94 -15.56
C LEU B 281 9.75 -23.07 -15.05
N TRP B 282 9.62 -23.71 -13.90
CA TRP B 282 8.32 -23.91 -13.26
C TRP B 282 7.67 -22.57 -12.89
N ALA B 283 8.50 -21.61 -12.47
CA ALA B 283 8.02 -20.29 -12.08
C ALA B 283 7.25 -19.57 -13.17
N ARG B 284 7.59 -19.85 -14.43
CA ARG B 284 6.94 -19.20 -15.55
C ARG B 284 5.43 -19.47 -15.60
N ASP B 285 5.02 -20.64 -15.11
CA ASP B 285 3.61 -21.02 -15.11
C ASP B 285 2.95 -20.97 -13.74
N HIS B 286 3.66 -20.45 -12.75
CA HIS B 286 3.14 -20.34 -11.39
C HIS B 286 3.51 -19.00 -10.79
N SER B 287 3.20 -17.94 -11.53
CA SER B 287 3.51 -16.57 -11.11
C SER B 287 3.03 -16.20 -9.71
N ASP B 288 1.77 -16.53 -9.37
CA ASP B 288 1.25 -16.19 -8.06
C ASP B 288 1.99 -16.85 -6.90
N ALA B 289 2.29 -18.14 -7.04
CA ALA B 289 3.00 -18.87 -6.00
C ALA B 289 4.36 -18.25 -5.76
N VAL B 290 5.03 -17.85 -6.85
CA VAL B 290 6.35 -17.25 -6.77
C VAL B 290 6.29 -15.88 -6.08
N THR B 291 5.27 -15.09 -6.40
CA THR B 291 5.12 -13.78 -5.78
C THR B 291 4.91 -13.98 -4.27
N SER B 292 4.03 -14.92 -3.93
CA SER B 292 3.73 -15.20 -2.53
C SER B 292 4.93 -15.63 -1.69
N LEU B 293 5.76 -16.52 -2.21
CA LEU B 293 6.91 -16.97 -1.43
C LEU B 293 7.96 -15.89 -1.24
N HIS B 294 8.09 -14.98 -2.20
CA HIS B 294 9.04 -13.87 -2.04
C HIS B 294 8.47 -12.88 -1.03
N ALA B 295 7.16 -12.65 -1.08
CA ALA B 295 6.52 -11.73 -0.14
C ALA B 295 6.66 -12.20 1.30
N ALA B 296 6.47 -13.51 1.52
CA ALA B 296 6.58 -14.06 2.86
C ALA B 296 8.01 -14.00 3.38
N ASN B 297 8.98 -14.30 2.52
CA ASN B 297 10.37 -14.29 2.92
C ASN B 297 10.84 -12.90 3.33
N LEU B 298 10.34 -11.88 2.65
CA LEU B 298 10.73 -10.50 2.93
C LEU B 298 9.81 -9.72 3.87
N GLY B 299 8.65 -10.29 4.19
CA GLY B 299 7.73 -9.62 5.09
C GLY B 299 7.06 -8.40 4.47
N VAL B 300 6.71 -8.51 3.19
CA VAL B 300 6.07 -7.41 2.47
C VAL B 300 4.80 -7.91 1.78
N SER B 301 4.01 -6.99 1.25
CA SER B 301 2.78 -7.36 0.56
C SER B 301 3.07 -7.97 -0.81
N THR B 302 2.13 -8.77 -1.31
CA THR B 302 2.31 -9.40 -2.62
C THR B 302 2.37 -8.35 -3.72
N GLY B 303 1.56 -7.30 -3.61
CA GLY B 303 1.56 -6.25 -4.61
C GLY B 303 2.89 -5.53 -4.67
N ALA B 304 3.50 -5.33 -3.50
CA ALA B 304 4.79 -4.64 -3.44
C ALA B 304 5.90 -5.41 -4.16
N VAL B 305 5.79 -6.74 -4.16
CA VAL B 305 6.79 -7.56 -4.84
C VAL B 305 6.81 -7.25 -6.33
N GLY B 306 5.63 -7.18 -6.94
CA GLY B 306 5.55 -6.89 -8.37
C GLY B 306 6.11 -5.52 -8.71
N GLN B 307 5.83 -4.55 -7.86
CA GLN B 307 6.32 -3.19 -8.07
C GLN B 307 7.83 -3.14 -7.95
N GLY B 308 8.35 -3.80 -6.92
CA GLY B 308 9.78 -3.79 -6.67
C GLY B 308 10.65 -4.61 -7.61
N PHE B 309 10.12 -5.70 -8.15
CA PHE B 309 10.90 -6.55 -9.05
C PHE B 309 10.47 -6.51 -10.52
N GLY B 310 9.33 -5.90 -10.80
CA GLY B 310 8.84 -5.84 -12.17
C GLY B 310 7.70 -6.84 -12.37
N ALA B 311 6.66 -6.41 -13.10
CA ALA B 311 5.48 -7.23 -13.36
C ALA B 311 5.69 -8.69 -13.76
N ASP B 312 6.64 -8.96 -14.65
CA ASP B 312 6.86 -10.33 -15.09
C ASP B 312 8.22 -10.89 -14.69
N PHE B 313 8.66 -10.58 -13.47
CA PHE B 313 9.95 -11.07 -13.00
C PHE B 313 9.99 -12.60 -12.92
N GLN B 314 8.82 -13.23 -12.79
CA GLN B 314 8.76 -14.69 -12.70
C GLN B 314 9.16 -15.39 -14.00
N GLN B 315 9.23 -14.63 -15.09
CA GLN B 315 9.60 -15.18 -16.39
C GLN B 315 11.11 -15.13 -16.58
N ARG B 316 11.80 -14.49 -15.66
CA ARG B 316 13.24 -14.33 -15.76
C ARG B 316 14.01 -14.87 -14.55
N LEU B 317 13.63 -16.05 -14.07
CA LEU B 317 14.29 -16.64 -12.90
C LEU B 317 15.34 -17.73 -13.17
N VAL B 318 15.45 -18.21 -14.40
CA VAL B 318 16.48 -19.22 -14.70
C VAL B 318 17.82 -18.47 -14.66
N PRO B 319 18.75 -18.90 -13.80
CA PRO B 319 20.06 -18.24 -13.70
C PRO B 319 20.81 -18.15 -15.04
N ARG B 320 21.64 -17.11 -15.17
CA ARG B 320 22.39 -16.86 -16.40
C ARG B 320 23.89 -16.65 -16.22
N LEU B 321 24.66 -17.01 -17.24
CA LEU B 321 26.11 -16.78 -17.24
C LEU B 321 26.54 -16.34 -18.64
N ASP B 322 25.58 -15.83 -19.41
CA ASP B 322 25.88 -15.36 -20.76
C ASP B 322 26.63 -14.03 -20.71
N HIS B 323 27.21 -13.62 -21.83
CA HIS B 323 27.99 -12.39 -21.89
C HIS B 323 27.25 -11.13 -21.44
N ASP B 324 25.95 -11.04 -21.72
CA ASP B 324 25.21 -9.85 -21.31
C ASP B 324 25.05 -9.79 -19.80
N ALA B 325 24.82 -10.93 -19.17
CA ALA B 325 24.67 -10.99 -17.72
C ALA B 325 26.02 -10.65 -17.07
N LEU B 326 27.10 -11.18 -17.64
CA LEU B 326 28.42 -10.91 -17.10
C LEU B 326 28.79 -9.43 -17.26
N ALA B 327 28.34 -8.81 -18.34
CA ALA B 327 28.63 -7.39 -18.58
C ALA B 327 27.93 -6.52 -17.55
N LEU B 328 26.75 -6.95 -17.09
CA LEU B 328 26.01 -6.19 -16.09
C LEU B 328 26.77 -6.27 -14.76
N LEU B 329 27.26 -7.46 -14.43
CA LEU B 329 28.02 -7.64 -13.20
C LEU B 329 29.32 -6.82 -13.27
N GLU B 330 29.96 -6.82 -14.45
CA GLU B 330 31.19 -6.06 -14.62
C GLU B 330 30.93 -4.57 -14.43
N ARG B 331 29.77 -4.10 -14.88
CA ARG B 331 29.42 -2.69 -14.73
C ARG B 331 29.39 -2.26 -13.26
N THR B 332 28.78 -3.08 -12.40
CA THR B 332 28.74 -2.74 -10.99
C THR B 332 30.16 -2.75 -10.43
N GLN B 333 30.95 -3.74 -10.82
CA GLN B 333 32.33 -3.82 -10.37
C GLN B 333 33.11 -2.57 -10.74
N GLN B 334 32.88 -2.05 -11.95
CA GLN B 334 33.58 -0.84 -12.38
C GLN B 334 33.18 0.37 -11.54
N PHE B 335 31.94 0.41 -11.05
CA PHE B 335 31.53 1.53 -10.20
C PHE B 335 32.36 1.46 -8.91
N LEU B 336 32.54 0.25 -8.39
CA LEU B 336 33.33 0.08 -7.16
C LEU B 336 34.79 0.49 -7.37
N LEU B 337 35.38 0.07 -8.50
CA LEU B 337 36.78 0.41 -8.79
C LEU B 337 36.96 1.92 -8.98
N THR B 338 36.11 2.53 -9.79
CA THR B 338 36.20 3.97 -10.04
C THR B 338 36.13 4.77 -8.74
N ASN B 339 35.26 4.35 -7.83
CA ASN B 339 35.08 5.06 -6.58
C ASN B 339 35.97 4.62 -5.41
N ASN B 340 37.04 3.90 -5.76
CA ASN B 340 38.04 3.47 -4.77
C ASN B 340 37.57 2.49 -3.70
N LEU B 341 36.47 1.79 -3.94
CA LEU B 341 35.96 0.81 -2.98
C LEU B 341 36.68 -0.52 -3.22
N LEU B 342 37.18 -0.70 -4.45
CA LEU B 342 37.97 -1.86 -4.87
C LEU B 342 39.21 -1.29 -5.56
N GLN B 343 40.33 -1.99 -5.48
CA GLN B 343 41.57 -1.52 -6.11
C GLN B 343 41.92 -2.34 -7.34
N GLU B 344 41.63 -3.64 -7.29
CA GLU B 344 41.88 -4.55 -8.39
C GLU B 344 40.61 -5.37 -8.62
N PRO B 345 40.21 -5.55 -9.88
CA PRO B 345 39.00 -6.32 -10.18
C PRO B 345 39.07 -7.83 -10.01
N VAL B 346 37.89 -8.41 -9.81
CA VAL B 346 37.76 -9.85 -9.69
C VAL B 346 37.67 -10.32 -11.15
N ALA B 347 38.39 -11.39 -11.49
CA ALA B 347 38.34 -11.92 -12.85
C ALA B 347 37.08 -12.76 -12.93
N LEU B 348 36.01 -12.17 -13.45
CA LEU B 348 34.72 -12.86 -13.52
C LEU B 348 34.71 -14.22 -14.20
N ASP B 349 35.46 -14.36 -15.30
CA ASP B 349 35.47 -15.63 -16.02
C ASP B 349 36.12 -16.76 -15.22
N GLN B 350 37.03 -16.42 -14.32
CA GLN B 350 37.72 -17.39 -13.48
C GLN B 350 36.86 -17.71 -12.25
N TRP B 351 36.17 -16.70 -11.75
CA TRP B 351 35.30 -16.84 -10.58
C TRP B 351 34.12 -17.76 -10.94
N ALA B 352 33.57 -17.55 -12.13
CA ALA B 352 32.45 -18.37 -12.60
C ALA B 352 32.82 -19.83 -12.79
N ALA B 353 31.87 -20.72 -12.49
CA ALA B 353 32.04 -22.17 -12.67
C ALA B 353 30.86 -22.50 -13.60
N PRO B 354 30.97 -22.12 -14.88
CA PRO B 354 29.93 -22.34 -15.89
C PRO B 354 29.53 -23.77 -16.22
N GLU B 355 30.37 -24.74 -15.90
CA GLU B 355 30.06 -26.12 -16.21
C GLU B 355 28.73 -26.61 -15.65
N PHE B 356 28.41 -26.21 -14.42
CA PHE B 356 27.17 -26.65 -13.80
C PHE B 356 25.92 -26.15 -14.53
N LEU B 357 25.85 -24.84 -14.76
CA LEU B 357 24.70 -24.27 -15.46
C LEU B 357 24.63 -24.81 -16.90
N ASN B 358 25.77 -24.98 -17.55
CA ASN B 358 25.77 -25.50 -18.91
C ASN B 358 25.21 -26.93 -18.95
N ASN B 359 25.65 -27.79 -18.04
CA ASN B 359 25.14 -29.16 -18.01
C ASN B 359 23.64 -29.14 -17.75
N SER B 360 23.20 -28.22 -16.88
CA SER B 360 21.80 -28.13 -16.54
C SER B 360 20.96 -27.73 -17.75
N LEU B 361 21.40 -26.72 -18.47
CA LEU B 361 20.66 -26.25 -19.64
C LEU B 361 20.71 -27.26 -20.80
N ASN B 362 21.75 -28.07 -20.85
CA ASN B 362 21.88 -29.07 -21.92
C ASN B 362 20.82 -30.15 -21.81
N ARG B 363 20.17 -30.25 -20.65
CA ARG B 363 19.11 -31.24 -20.44
C ARG B 363 17.86 -30.87 -21.20
N HIS B 364 17.51 -29.58 -21.17
CA HIS B 364 16.33 -29.06 -21.83
C HIS B 364 16.66 -28.58 -23.25
#